data_7EBV
#
_entry.id   7EBV
#
_cell.length_a   151.703
_cell.length_b   151.703
_cell.length_c   146.750
_cell.angle_alpha   90.000
_cell.angle_beta   90.000
_cell.angle_gamma   90.000
#
_symmetry.space_group_name_H-M   'I 41 2 2'
#
loop_
_entity.id
_entity.type
_entity.pdbx_description
1 polymer 'Glutathione transferase'
2 non-polymer GLUTATHIONE
3 non-polymer 2-(3,4-dihydroxyphenyl)-5,7-dihydroxy-4H-chromen-4-one
4 non-polymer 'CALCIUM ION'
5 water water
#
_entity_poly.entity_id   1
_entity_poly.type   'polypeptide(L)'
_entity_poly.pdbx_seq_one_letter_code
;MNHKVHMMSKPVLYYDDISPPVRGVLLTVAALGIKDQVELKLVRLFEREHLLEDFVKLNPLHAVPVLKHDDLVLTDSHAI
IMYLCDIFGQDGDFSLKDPKQRARVHNRLCFNNAVLFQRESIVMRGLINRSIVTLEDHHLKPVQEAYDCLEVYLTNSKFV
ACDQLTVADFPIVACMSTVGMVCPLSTSRWPKTAAWFETMKQLPYYQQANQVGVDKLKERLHAVMKK
;
_entity_poly.pdbx_strand_id   A,B,C,D
#
# COMPACT_ATOMS: atom_id res chain seq x y z
N MET A 8 -23.10 -13.33 -8.26
CA MET A 8 -22.55 -12.39 -7.29
C MET A 8 -21.05 -12.59 -7.16
N SER A 9 -20.49 -13.44 -8.01
CA SER A 9 -19.07 -13.73 -8.02
C SER A 9 -18.43 -13.04 -9.22
N LYS A 10 -17.51 -12.13 -8.95
CA LYS A 10 -16.85 -11.31 -9.96
C LYS A 10 -15.56 -11.98 -10.42
N PRO A 11 -15.36 -12.19 -11.72
CA PRO A 11 -14.05 -12.63 -12.19
C PRO A 11 -12.98 -11.59 -11.86
N VAL A 12 -11.77 -12.07 -11.59
CA VAL A 12 -10.61 -11.23 -11.31
C VAL A 12 -9.62 -11.42 -12.44
N LEU A 13 -9.26 -10.32 -13.11
CA LEU A 13 -8.29 -10.30 -14.20
C LEU A 13 -6.93 -9.83 -13.68
N TYR A 14 -5.95 -10.71 -13.72
CA TYR A 14 -4.56 -10.40 -13.37
C TYR A 14 -3.87 -9.88 -14.63
N TYR A 15 -3.29 -8.67 -14.57
CA TYR A 15 -3.02 -7.99 -15.82
C TYR A 15 -1.86 -7.01 -15.70
N ASP A 16 -1.27 -6.71 -16.87
CA ASP A 16 -0.34 -5.59 -17.07
C ASP A 16 -0.61 -5.10 -18.49
N ASP A 17 -1.07 -3.85 -18.64
CA ASP A 17 -1.56 -3.44 -19.95
C ASP A 17 -0.45 -3.11 -20.95
N ILE A 18 0.83 -3.27 -20.62
CA ILE A 18 1.84 -3.22 -21.67
C ILE A 18 1.73 -4.43 -22.60
N SER A 19 1.12 -5.52 -22.11
CA SER A 19 1.03 -6.80 -22.82
C SER A 19 -0.08 -6.76 -23.86
N PRO A 20 0.19 -7.12 -25.13
CA PRO A 20 -0.91 -7.23 -26.10
C PRO A 20 -1.97 -8.25 -25.70
N PRO A 21 -1.59 -9.47 -25.24
CA PRO A 21 -2.65 -10.38 -24.76
C PRO A 21 -3.56 -9.75 -23.72
N VAL A 22 -3.00 -9.00 -22.77
CA VAL A 22 -3.81 -8.33 -21.77
C VAL A 22 -4.75 -7.32 -22.41
N ARG A 23 -4.21 -6.51 -23.34
CA ARG A 23 -5.04 -5.49 -23.96
C ARG A 23 -6.15 -6.08 -24.82
N GLY A 24 -5.93 -7.26 -25.41
CA GLY A 24 -7.05 -7.94 -26.07
C GLY A 24 -8.20 -8.17 -25.11
N VAL A 25 -7.89 -8.53 -23.87
CA VAL A 25 -8.94 -8.76 -22.87
C VAL A 25 -9.54 -7.43 -22.44
N LEU A 26 -8.71 -6.41 -22.21
CA LEU A 26 -9.26 -5.13 -21.77
C LEU A 26 -10.20 -4.55 -22.83
N LEU A 27 -9.83 -4.67 -24.11
CA LEU A 27 -10.73 -4.24 -25.17
C LEU A 27 -12.05 -5.01 -25.14
N THR A 28 -11.96 -6.34 -24.94
CA THR A 28 -13.14 -7.19 -24.85
C THR A 28 -14.03 -6.78 -23.69
N VAL A 29 -13.43 -6.54 -22.52
CA VAL A 29 -14.21 -6.17 -21.33
C VAL A 29 -14.98 -4.89 -21.59
N ALA A 30 -14.33 -3.90 -22.21
CA ALA A 30 -14.99 -2.64 -22.51
C ALA A 30 -16.05 -2.81 -23.58
N ALA A 31 -15.76 -3.61 -24.59
CA ALA A 31 -16.72 -3.80 -25.69
C ALA A 31 -17.97 -4.52 -25.22
N LEU A 32 -17.83 -5.47 -24.29
CA LEU A 32 -18.98 -6.19 -23.74
C LEU A 32 -19.74 -5.35 -22.72
N GLY A 33 -19.23 -4.19 -22.34
CA GLY A 33 -19.84 -3.37 -21.30
C GLY A 33 -19.79 -3.97 -19.91
N ILE A 34 -18.67 -4.61 -19.56
CA ILE A 34 -18.61 -5.33 -18.29
C ILE A 34 -17.44 -4.87 -17.43
N LYS A 35 -16.98 -3.63 -17.62
CA LYS A 35 -15.90 -3.11 -16.78
C LYS A 35 -16.25 -3.21 -15.29
N ASP A 36 -17.51 -2.98 -14.94
CA ASP A 36 -17.89 -2.99 -13.53
C ASP A 36 -18.13 -4.40 -13.00
N GLN A 37 -18.02 -5.42 -13.84
CA GLN A 37 -18.23 -6.79 -13.42
C GLN A 37 -16.94 -7.59 -13.33
N VAL A 38 -15.82 -7.03 -13.78
CA VAL A 38 -14.54 -7.73 -13.80
C VAL A 38 -13.56 -6.91 -12.96
N GLU A 39 -13.13 -7.48 -11.83
CA GLU A 39 -12.15 -6.82 -11.00
C GLU A 39 -10.76 -7.00 -11.60
N LEU A 40 -9.94 -5.99 -11.43
CA LEU A 40 -8.58 -6.00 -11.95
C LEU A 40 -7.62 -6.23 -10.80
N LYS A 41 -6.54 -6.94 -11.07
CA LYS A 41 -5.44 -7.04 -10.12
C LYS A 41 -4.14 -6.88 -10.90
N LEU A 42 -3.41 -5.82 -10.60
CA LEU A 42 -2.22 -5.48 -11.34
C LEU A 42 -1.10 -6.45 -11.00
N VAL A 43 -0.45 -6.99 -12.03
CA VAL A 43 0.72 -7.84 -11.89
C VAL A 43 1.76 -7.22 -12.83
N ARG A 44 2.69 -6.44 -12.28
CA ARG A 44 3.58 -5.63 -13.11
C ARG A 44 4.79 -6.43 -13.59
N LEU A 45 4.92 -6.58 -14.91
CA LEU A 45 6.00 -7.39 -15.48
C LEU A 45 7.37 -6.77 -15.22
N PHE A 46 7.50 -5.45 -15.42
CA PHE A 46 8.80 -4.83 -15.24
C PHE A 46 9.31 -4.97 -13.81
N GLU A 47 8.42 -5.07 -12.85
CA GLU A 47 8.88 -5.20 -11.49
C GLU A 47 8.93 -6.64 -11.03
N ARG A 48 8.65 -7.57 -11.94
CA ARG A 48 8.78 -9.00 -11.76
C ARG A 48 7.74 -9.57 -10.78
N GLU A 49 6.57 -8.93 -10.70
CA GLU A 49 5.49 -9.45 -9.87
C GLU A 49 4.92 -10.76 -10.41
N HIS A 50 5.14 -11.07 -11.69
CA HIS A 50 4.69 -12.34 -12.23
C HIS A 50 5.54 -13.51 -11.80
N LEU A 51 6.66 -13.27 -11.11
CA LEU A 51 7.50 -14.34 -10.63
C LEU A 51 7.34 -14.60 -9.12
N LEU A 52 6.43 -13.88 -8.47
CA LEU A 52 6.14 -14.13 -7.07
C LEU A 52 5.51 -15.51 -6.88
N GLU A 53 5.73 -16.10 -5.71
CA GLU A 53 5.31 -17.48 -5.48
C GLU A 53 3.79 -17.64 -5.66
N ASP A 54 2.99 -16.70 -5.15
CA ASP A 54 1.54 -16.81 -5.28
C ASP A 54 1.13 -16.83 -6.75
N PHE A 55 1.73 -15.97 -7.56
CA PHE A 55 1.31 -15.90 -8.95
C PHE A 55 1.76 -17.13 -9.72
N VAL A 56 2.97 -17.62 -9.45
CA VAL A 56 3.46 -18.83 -10.11
C VAL A 56 2.57 -20.02 -9.75
N LYS A 57 2.09 -20.08 -8.49
CA LYS A 57 1.17 -21.15 -8.11
C LYS A 57 -0.14 -21.03 -8.86
N LEU A 58 -0.60 -19.80 -9.07
CA LEU A 58 -1.81 -19.57 -9.85
C LEU A 58 -1.62 -19.95 -11.33
N ASN A 59 -0.46 -19.62 -11.89
CA ASN A 59 -0.18 -19.83 -13.31
C ASN A 59 1.29 -20.24 -13.48
N PRO A 60 1.59 -21.52 -13.68
CA PRO A 60 3.00 -21.93 -13.82
C PRO A 60 3.68 -21.35 -15.04
N LEU A 61 2.92 -20.84 -16.01
CA LEU A 61 3.51 -20.12 -17.14
C LEU A 61 4.00 -18.73 -16.75
N HIS A 62 3.72 -18.29 -15.52
CA HIS A 62 4.15 -16.98 -14.99
C HIS A 62 3.97 -15.87 -16.02
N ALA A 63 2.76 -15.79 -16.55
CA ALA A 63 2.44 -14.81 -17.59
C ALA A 63 1.07 -14.21 -17.36
N VAL A 64 0.87 -13.02 -17.93
CA VAL A 64 -0.42 -12.33 -17.88
C VAL A 64 -1.02 -12.29 -19.28
N PRO A 65 -2.36 -12.29 -19.42
CA PRO A 65 -3.36 -12.26 -18.34
C PRO A 65 -3.74 -13.61 -17.76
N VAL A 66 -4.30 -13.56 -16.56
CA VAL A 66 -4.94 -14.71 -15.91
C VAL A 66 -6.31 -14.24 -15.45
N LEU A 67 -7.31 -15.10 -15.59
CA LEU A 67 -8.64 -14.83 -15.05
C LEU A 67 -8.98 -15.89 -14.01
N LYS A 68 -9.35 -15.44 -12.82
CA LYS A 68 -9.88 -16.34 -11.80
C LYS A 68 -11.36 -16.05 -11.62
N HIS A 69 -12.18 -17.09 -11.70
CA HIS A 69 -13.61 -16.96 -11.48
C HIS A 69 -14.05 -18.14 -10.64
N ASP A 70 -14.32 -17.90 -9.36
CA ASP A 70 -14.47 -18.97 -8.38
C ASP A 70 -13.23 -19.86 -8.43
N ASP A 71 -13.39 -21.16 -8.73
CA ASP A 71 -12.27 -22.06 -8.78
C ASP A 71 -11.71 -22.24 -10.19
N LEU A 72 -12.29 -21.57 -11.18
CA LEU A 72 -11.79 -21.60 -12.55
C LEU A 72 -10.60 -20.66 -12.69
N VAL A 73 -9.50 -21.17 -13.23
CA VAL A 73 -8.32 -20.35 -13.51
C VAL A 73 -7.97 -20.49 -14.98
N LEU A 74 -8.15 -19.41 -15.74
CA LEU A 74 -7.81 -19.37 -17.16
C LEU A 74 -6.49 -18.63 -17.33
N THR A 75 -5.60 -19.18 -18.14
CA THR A 75 -4.22 -18.72 -18.24
C THR A 75 -3.84 -18.47 -19.69
N ASP A 76 -4.80 -18.00 -20.47
CA ASP A 76 -4.54 -17.58 -21.84
C ASP A 76 -5.62 -16.58 -22.21
N SER A 77 -5.18 -15.42 -22.72
CA SER A 77 -6.09 -14.33 -23.07
C SER A 77 -7.21 -14.79 -23.98
N HIS A 78 -6.91 -15.73 -24.91
CA HIS A 78 -7.93 -16.12 -25.88
C HIS A 78 -9.01 -16.97 -25.22
N ALA A 79 -8.62 -17.80 -24.24
CA ALA A 79 -9.61 -18.54 -23.46
C ALA A 79 -10.40 -17.61 -22.56
N ILE A 80 -9.73 -16.61 -21.96
CA ILE A 80 -10.42 -15.61 -21.15
C ILE A 80 -11.50 -14.92 -21.97
N ILE A 81 -11.15 -14.53 -23.20
CA ILE A 81 -12.08 -13.76 -24.03
C ILE A 81 -13.31 -14.60 -24.40
N MET A 82 -13.12 -15.86 -24.77
CA MET A 82 -14.29 -16.67 -25.14
C MET A 82 -15.16 -16.95 -23.93
N TYR A 83 -14.54 -17.15 -22.77
CA TYR A 83 -15.32 -17.40 -21.55
C TYR A 83 -16.15 -16.18 -21.18
N LEU A 84 -15.55 -14.99 -21.22
CA LEU A 84 -16.29 -13.77 -20.91
C LEU A 84 -17.45 -13.57 -21.88
N CYS A 85 -17.25 -13.96 -23.14
CA CYS A 85 -18.34 -13.92 -24.10
C CYS A 85 -19.47 -14.86 -23.70
N ASP A 86 -19.12 -16.05 -23.21
CA ASP A 86 -20.11 -17.05 -22.90
C ASP A 86 -20.96 -16.65 -21.70
N ILE A 87 -20.36 -16.01 -20.70
CA ILE A 87 -21.12 -15.74 -19.47
C ILE A 87 -21.68 -14.33 -19.43
N PHE A 88 -21.16 -13.39 -20.23
CA PHE A 88 -21.65 -12.02 -20.22
C PHE A 88 -22.21 -11.54 -21.56
N GLY A 89 -21.98 -12.25 -22.66
CA GLY A 89 -22.36 -11.71 -23.96
C GLY A 89 -23.29 -12.55 -24.80
N GLN A 90 -24.01 -13.50 -24.18
CA GLN A 90 -24.79 -14.47 -24.96
C GLN A 90 -25.89 -13.83 -25.78
N ASP A 91 -26.50 -12.75 -25.28
CA ASP A 91 -27.65 -12.14 -25.94
C ASP A 91 -27.34 -10.75 -26.49
N GLY A 92 -26.08 -10.52 -26.88
CA GLY A 92 -25.68 -9.22 -27.40
C GLY A 92 -24.98 -9.29 -28.73
N ASP A 93 -24.38 -8.17 -29.16
CA ASP A 93 -23.76 -8.06 -30.48
C ASP A 93 -22.51 -8.90 -30.64
N PHE A 94 -21.98 -9.46 -29.56
CA PHE A 94 -20.75 -10.23 -29.58
C PHE A 94 -21.00 -11.71 -29.30
N SER A 95 -22.25 -12.14 -29.40
CA SER A 95 -22.64 -13.47 -28.98
C SER A 95 -21.94 -14.56 -29.79
N LEU A 96 -21.58 -15.64 -29.10
CA LEU A 96 -20.99 -16.82 -29.73
C LEU A 96 -21.91 -18.04 -29.66
N LYS A 97 -23.22 -17.81 -29.52
CA LYS A 97 -24.16 -18.92 -29.35
C LYS A 97 -24.21 -19.83 -30.57
N ASP A 98 -24.04 -19.28 -31.76
CA ASP A 98 -24.16 -20.09 -32.97
C ASP A 98 -22.86 -20.86 -33.21
N PRO A 99 -22.93 -22.17 -33.47
CA PRO A 99 -21.69 -22.96 -33.54
C PRO A 99 -20.74 -22.54 -34.66
N LYS A 100 -21.24 -22.20 -35.84
CA LYS A 100 -20.32 -21.78 -36.90
C LYS A 100 -19.74 -20.41 -36.60
N GLN A 101 -20.53 -19.50 -36.02
CA GLN A 101 -20.01 -18.19 -35.64
C GLN A 101 -18.94 -18.32 -34.56
N ARG A 102 -19.19 -19.18 -33.57
CA ARG A 102 -18.17 -19.44 -32.55
C ARG A 102 -16.89 -19.95 -33.19
N ALA A 103 -17.00 -20.86 -34.16
CA ALA A 103 -15.81 -21.43 -34.79
C ALA A 103 -15.08 -20.41 -35.65
N ARG A 104 -15.82 -19.55 -36.36
CA ARG A 104 -15.18 -18.46 -37.12
C ARG A 104 -14.36 -17.56 -36.22
N VAL A 105 -14.94 -17.18 -35.08
CA VAL A 105 -14.25 -16.30 -34.13
C VAL A 105 -13.07 -17.03 -33.50
N HIS A 106 -13.30 -18.27 -33.05
CA HIS A 106 -12.21 -19.06 -32.46
C HIS A 106 -11.07 -19.25 -33.45
N ASN A 107 -11.40 -19.46 -34.73
CA ASN A 107 -10.37 -19.63 -35.74
C ASN A 107 -9.43 -18.42 -35.81
N ARG A 108 -9.99 -17.21 -35.73
CA ARG A 108 -9.14 -16.02 -35.77
C ARG A 108 -8.45 -15.75 -34.44
N LEU A 109 -9.03 -16.17 -33.31
CA LEU A 109 -8.28 -16.12 -32.04
C LEU A 109 -7.05 -17.00 -32.13
N CYS A 110 -7.21 -18.21 -32.68
CA CYS A 110 -6.05 -19.10 -32.88
C CYS A 110 -5.01 -18.47 -33.79
N PHE A 111 -5.45 -17.78 -34.86
CA PHE A 111 -4.49 -17.08 -35.71
C PHE A 111 -3.69 -16.07 -34.89
N ASN A 112 -4.37 -15.31 -34.03
CA ASN A 112 -3.62 -14.36 -33.22
C ASN A 112 -2.65 -15.07 -32.28
N ASN A 113 -3.15 -16.07 -31.55
CA ASN A 113 -2.33 -16.70 -30.52
C ASN A 113 -1.15 -17.45 -31.12
N ALA A 114 -1.38 -18.17 -32.22
CA ALA A 114 -0.38 -19.08 -32.75
C ALA A 114 0.44 -18.50 -33.89
N VAL A 115 0.04 -17.37 -34.47
CA VAL A 115 0.75 -16.79 -35.61
C VAL A 115 1.17 -15.36 -35.31
N LEU A 116 0.20 -14.43 -35.27
CA LEU A 116 0.55 -13.02 -35.15
C LEU A 116 1.27 -12.72 -33.83
N PHE A 117 0.69 -13.13 -32.70
CA PHE A 117 1.34 -12.84 -31.43
C PHE A 117 2.68 -13.55 -31.31
N GLN A 118 2.77 -14.80 -31.79
CA GLN A 118 4.05 -15.49 -31.70
C GLN A 118 5.15 -14.74 -32.43
N ARG A 119 4.84 -14.23 -33.64
CA ARG A 119 5.87 -13.61 -34.46
C ARG A 119 6.22 -12.22 -33.94
N GLU A 120 5.25 -11.48 -33.46
CA GLU A 120 5.61 -10.16 -32.98
C GLU A 120 6.29 -10.22 -31.62
N SER A 121 5.92 -11.17 -30.75
CA SER A 121 6.56 -11.21 -29.44
C SER A 121 8.02 -11.63 -29.54
N ILE A 122 8.37 -12.43 -30.56
CA ILE A 122 9.78 -12.75 -30.78
C ILE A 122 10.58 -11.47 -31.03
N VAL A 123 10.04 -10.59 -31.86
CA VAL A 123 10.72 -9.35 -32.18
C VAL A 123 10.76 -8.41 -30.97
N MET A 124 9.61 -8.23 -30.31
CA MET A 124 9.54 -7.24 -29.23
C MET A 124 10.33 -7.71 -28.00
N ARG A 125 10.14 -8.98 -27.58
CA ARG A 125 10.91 -9.49 -26.45
C ARG A 125 12.40 -9.40 -26.71
N GLY A 126 12.83 -9.68 -27.94
CA GLY A 126 14.24 -9.58 -28.28
C GLY A 126 14.77 -8.17 -28.14
N LEU A 127 13.95 -7.19 -28.49
CA LEU A 127 14.37 -5.77 -28.37
C LEU A 127 14.42 -5.37 -26.89
N ILE A 128 13.40 -5.72 -26.12
CA ILE A 128 13.38 -5.42 -24.67
C ILE A 128 14.58 -6.08 -23.97
N ASN A 129 14.83 -7.36 -24.21
CA ASN A 129 15.93 -8.07 -23.52
C ASN A 129 17.28 -7.73 -24.17
N ARG A 130 17.28 -7.02 -25.28
CA ARG A 130 18.52 -6.61 -26.02
C ARG A 130 19.18 -7.79 -26.77
N SER A 131 18.49 -8.89 -27.01
CA SER A 131 19.06 -9.97 -27.86
C SER A 131 19.30 -9.42 -29.27
N ILE A 132 18.38 -8.59 -29.77
CA ILE A 132 18.50 -8.05 -31.15
C ILE A 132 18.68 -6.53 -31.08
N VAL A 133 19.40 -5.95 -32.04
CA VAL A 133 19.60 -4.47 -32.08
C VAL A 133 19.91 -4.05 -33.51
N LEU A 135 17.29 -4.13 -36.71
CA LEU A 135 16.11 -4.80 -37.25
C LEU A 135 16.34 -5.09 -38.73
N GLU A 136 17.05 -6.18 -38.99
CA GLU A 136 17.23 -6.63 -40.36
C GLU A 136 15.89 -7.07 -40.93
N ASP A 137 15.78 -7.02 -42.27
CA ASP A 137 14.56 -7.46 -42.93
C ASP A 137 14.22 -8.91 -42.61
N HIS A 138 15.22 -9.70 -42.17
CA HIS A 138 14.95 -11.08 -41.79
C HIS A 138 13.99 -11.16 -40.60
N HIS A 139 14.12 -10.22 -39.66
CA HIS A 139 13.30 -10.28 -38.45
C HIS A 139 11.82 -10.01 -38.74
N LEU A 140 11.53 -9.14 -39.71
CA LEU A 140 10.17 -8.68 -39.94
C LEU A 140 9.43 -9.46 -41.02
N LYS A 141 10.12 -10.33 -41.76
CA LYS A 141 9.44 -11.13 -42.77
C LYS A 141 8.29 -11.96 -42.19
N PRO A 142 8.46 -12.69 -41.08
CA PRO A 142 7.30 -13.43 -40.55
C PRO A 142 6.13 -12.54 -40.19
N VAL A 143 6.39 -11.36 -39.63
CA VAL A 143 5.30 -10.42 -39.33
C VAL A 143 4.61 -9.99 -40.61
N GLN A 144 5.38 -9.68 -41.65
CA GLN A 144 4.79 -9.23 -42.90
C GLN A 144 3.97 -10.34 -43.56
N GLU A 145 4.39 -11.60 -43.40
CA GLU A 145 3.60 -12.72 -43.87
C GLU A 145 2.28 -12.82 -43.12
N ALA A 146 2.29 -12.53 -41.81
CA ALA A 146 1.06 -12.51 -41.04
C ALA A 146 0.15 -11.38 -41.50
N TYR A 147 0.74 -10.21 -41.82
CA TYR A 147 -0.03 -9.11 -42.41
C TYR A 147 -0.70 -9.56 -43.71
N ASP A 148 0.04 -10.31 -44.54
CA ASP A 148 -0.53 -10.80 -45.79
C ASP A 148 -1.75 -11.66 -45.54
N CYS A 149 -1.71 -12.51 -44.51
CA CYS A 149 -2.88 -13.34 -44.22
C CYS A 149 -4.02 -12.48 -43.73
N LEU A 150 -3.74 -11.55 -42.81
CA LEU A 150 -4.76 -10.66 -42.31
C LEU A 150 -5.42 -9.89 -43.44
N GLU A 151 -4.62 -9.46 -44.43
CA GLU A 151 -5.16 -8.73 -45.58
C GLU A 151 -6.15 -9.59 -46.38
N VAL A 152 -5.87 -10.90 -46.52
CA VAL A 152 -6.82 -11.81 -47.16
C VAL A 152 -8.10 -11.90 -46.34
N TYR A 153 -7.98 -12.08 -45.02
CA TYR A 153 -9.19 -12.18 -44.20
C TYR A 153 -10.06 -10.94 -44.34
N LEU A 154 -9.44 -9.76 -44.38
CA LEU A 154 -10.19 -8.51 -44.42
C LEU A 154 -10.62 -8.14 -45.81
N THR A 155 -10.14 -8.87 -46.82
CA THR A 155 -10.72 -8.80 -48.15
C THR A 155 -12.02 -9.59 -48.22
N ASN A 156 -12.09 -10.74 -47.55
CA ASN A 156 -13.26 -11.59 -47.61
C ASN A 156 -14.36 -11.20 -46.61
N SER A 157 -14.01 -10.48 -45.54
CA SER A 157 -15.06 -9.98 -44.65
C SER A 157 -14.62 -8.62 -44.11
N LYS A 158 -15.60 -7.87 -43.61
CA LYS A 158 -15.31 -6.48 -43.24
C LYS A 158 -14.42 -6.39 -42.01
N PHE A 159 -14.64 -7.28 -41.04
CA PHE A 159 -13.81 -7.43 -39.85
C PHE A 159 -13.13 -8.81 -39.93
N VAL A 160 -12.33 -9.14 -38.92
CA VAL A 160 -11.38 -10.24 -39.12
C VAL A 160 -12.09 -11.59 -39.27
N ALA A 161 -13.24 -11.79 -38.63
CA ALA A 161 -13.90 -13.09 -38.61
C ALA A 161 -15.18 -13.15 -39.43
N CYS A 162 -15.77 -12.00 -39.75
CA CYS A 162 -17.03 -11.94 -40.46
C CYS A 162 -17.32 -10.47 -40.72
N ASP A 163 -18.53 -10.15 -41.18
CA ASP A 163 -18.78 -8.78 -41.57
C ASP A 163 -19.13 -7.88 -40.38
N GLN A 164 -19.23 -8.43 -39.18
CA GLN A 164 -19.44 -7.65 -37.97
C GLN A 164 -18.18 -7.69 -37.11
N LEU A 165 -18.03 -6.65 -36.30
CA LEU A 165 -17.01 -6.66 -35.27
C LEU A 165 -17.27 -7.81 -34.30
N THR A 166 -16.24 -8.58 -33.97
CA THR A 166 -16.35 -9.66 -33.00
C THR A 166 -15.20 -9.54 -32.00
N VAL A 167 -15.22 -10.41 -30.98
CA VAL A 167 -14.12 -10.36 -30.03
C VAL A 167 -12.80 -10.75 -30.67
N ALA A 168 -12.79 -11.41 -31.84
CA ALA A 168 -11.51 -11.76 -32.45
C ALA A 168 -10.76 -10.54 -32.97
N ASP A 169 -11.44 -9.43 -33.24
CA ASP A 169 -10.75 -8.23 -33.68
C ASP A 169 -9.86 -7.62 -32.61
N PHE A 170 -10.12 -7.94 -31.33
CA PHE A 170 -9.45 -7.23 -30.23
C PHE A 170 -8.04 -7.75 -29.96
N PRO A 171 -7.81 -9.08 -29.85
CA PRO A 171 -6.42 -9.54 -29.69
C PRO A 171 -5.57 -9.14 -30.88
N ILE A 172 -6.15 -9.21 -32.07
CA ILE A 172 -5.39 -8.87 -33.27
C ILE A 172 -5.02 -7.40 -33.31
N VAL A 173 -5.95 -6.50 -32.95
CA VAL A 173 -5.58 -5.09 -32.96
C VAL A 173 -4.61 -4.78 -31.85
N ALA A 174 -4.71 -5.47 -30.70
CA ALA A 174 -3.72 -5.26 -29.64
C ALA A 174 -2.33 -5.59 -30.15
N CYS A 175 -2.17 -6.70 -30.87
N CYS A 175 -2.21 -6.67 -30.91
CA CYS A 175 -0.86 -7.03 -31.45
CA CYS A 175 -0.93 -7.07 -31.47
C CYS A 175 -0.47 -6.03 -32.55
C CYS A 175 -0.48 -6.11 -32.56
N MET A 176 -1.39 -5.74 -33.47
CA MET A 176 -1.09 -4.84 -34.57
C MET A 176 -0.59 -3.50 -34.09
N SER A 177 -1.21 -2.96 -33.03
CA SER A 177 -0.78 -1.68 -32.51
C SER A 177 0.54 -1.75 -31.77
N THR A 178 1.02 -2.95 -31.44
CA THR A 178 2.32 -3.12 -30.81
C THR A 178 3.43 -3.30 -31.84
N VAL A 179 3.30 -4.32 -32.69
CA VAL A 179 4.36 -4.59 -33.63
C VAL A 179 4.41 -3.50 -34.71
N GLY A 180 3.32 -2.76 -34.88
CA GLY A 180 3.32 -1.62 -35.79
C GLY A 180 4.39 -0.59 -35.49
N MET A 181 4.85 -0.52 -34.24
N MET A 181 4.81 -0.52 -34.21
CA MET A 181 5.89 0.44 -33.88
CA MET A 181 5.91 0.37 -33.83
C MET A 181 7.24 0.09 -34.49
C MET A 181 7.16 0.11 -34.65
N VAL A 182 7.45 -1.16 -34.91
CA VAL A 182 8.68 -1.54 -35.61
C VAL A 182 8.43 -2.10 -37.01
N CYS A 183 7.18 -2.43 -37.36
CA CYS A 183 6.85 -2.97 -38.67
C CYS A 183 5.55 -2.32 -39.10
N PRO A 184 5.59 -1.06 -39.52
CA PRO A 184 4.34 -0.31 -39.75
C PRO A 184 3.61 -0.80 -40.99
N LEU A 185 2.29 -0.66 -40.95
CA LEU A 185 1.47 -1.04 -42.08
C LEU A 185 1.66 -0.03 -43.21
N SER A 186 1.89 -0.55 -44.41
CA SER A 186 1.80 0.25 -45.63
C SER A 186 0.36 0.22 -46.15
N THR A 187 -0.22 1.41 -46.34
CA THR A 187 -1.57 1.48 -46.87
C THR A 187 -1.63 0.97 -48.31
N SER A 188 -0.56 1.21 -49.08
CA SER A 188 -0.56 0.74 -50.46
C SER A 188 -0.44 -0.77 -50.52
N ARG A 189 0.26 -1.37 -49.56
CA ARG A 189 0.55 -2.80 -49.57
C ARG A 189 -0.51 -3.63 -48.86
N TRP A 190 -1.08 -3.11 -47.76
CA TRP A 190 -2.15 -3.78 -47.03
C TRP A 190 -3.32 -2.82 -46.83
N PRO A 191 -4.00 -2.43 -47.92
CA PRO A 191 -5.04 -1.39 -47.79
C PRO A 191 -6.21 -1.79 -46.93
N LYS A 192 -6.70 -3.04 -47.04
CA LYS A 192 -7.83 -3.45 -46.22
C LYS A 192 -7.44 -3.47 -44.74
N THR A 193 -6.22 -3.92 -44.45
CA THR A 193 -5.79 -3.98 -43.05
C THR A 193 -5.58 -2.58 -42.48
N ALA A 194 -4.98 -1.68 -43.27
CA ALA A 194 -4.80 -0.30 -42.81
C ALA A 194 -6.14 0.37 -42.52
N ALA A 195 -7.14 0.17 -43.38
CA ALA A 195 -8.44 0.78 -43.13
C ALA A 195 -9.12 0.16 -41.93
N TRP A 196 -9.01 -1.17 -41.77
CA TRP A 196 -9.56 -1.82 -40.60
C TRP A 196 -8.90 -1.30 -39.32
N PHE A 197 -7.58 -1.13 -39.36
CA PHE A 197 -6.84 -0.62 -38.21
C PHE A 197 -7.30 0.78 -37.83
N GLU A 198 -7.42 1.67 -38.82
CA GLU A 198 -7.95 3.00 -38.53
C GLU A 198 -9.34 2.95 -37.94
N THR A 199 -10.18 2.03 -38.44
CA THR A 199 -11.51 1.88 -37.89
C THR A 199 -11.47 1.45 -36.43
N MET A 200 -10.59 0.51 -36.10
CA MET A 200 -10.59 0.06 -34.72
C MET A 200 -10.09 1.15 -33.79
N LYS A 201 -9.14 1.97 -34.24
CA LYS A 201 -8.66 3.08 -33.41
C LYS A 201 -9.75 4.08 -33.08
N GLN A 202 -10.87 4.09 -33.81
CA GLN A 202 -11.96 5.01 -33.56
C GLN A 202 -13.00 4.47 -32.58
N LEU A 203 -12.86 3.24 -32.13
CA LEU A 203 -13.76 2.71 -31.12
C LEU A 203 -13.62 3.53 -29.84
N PRO A 204 -14.73 3.83 -29.15
CA PRO A 204 -14.65 4.77 -28.01
C PRO A 204 -13.76 4.28 -26.88
N TYR A 205 -13.65 2.97 -26.69
CA TYR A 205 -12.85 2.41 -25.61
C TYR A 205 -11.42 2.10 -26.02
N TYR A 206 -11.03 2.38 -27.26
CA TYR A 206 -9.69 2.05 -27.72
C TYR A 206 -8.61 2.78 -26.93
N GLN A 207 -8.82 4.07 -26.64
CA GLN A 207 -7.76 4.85 -26.01
C GLN A 207 -7.42 4.28 -24.63
N GLN A 208 -8.44 4.05 -23.80
CA GLN A 208 -8.21 3.61 -22.43
C GLN A 208 -7.79 2.15 -22.38
N ALA A 209 -8.37 1.31 -23.23
CA ALA A 209 -8.14 -0.12 -23.11
C ALA A 209 -6.88 -0.59 -23.83
N ASN A 210 -6.46 0.14 -24.85
CA ASN A 210 -5.29 -0.26 -25.64
C ASN A 210 -4.21 0.81 -25.75
N GLN A 211 -4.58 2.06 -26.03
CA GLN A 211 -3.53 3.02 -26.35
C GLN A 211 -2.65 3.34 -25.15
N VAL A 212 -3.23 3.39 -23.94
CA VAL A 212 -2.45 3.66 -22.74
C VAL A 212 -1.29 2.67 -22.62
N GLY A 213 -1.58 1.38 -22.78
CA GLY A 213 -0.52 0.38 -22.67
C GLY A 213 0.46 0.43 -23.83
N VAL A 214 -0.04 0.72 -25.03
CA VAL A 214 0.84 0.91 -26.18
C VAL A 214 1.84 2.04 -25.91
N ASP A 215 1.35 3.14 -25.34
CA ASP A 215 2.22 4.28 -25.05
C ASP A 215 3.31 3.91 -24.06
N LYS A 216 2.95 3.15 -23.01
CA LYS A 216 3.94 2.71 -22.03
C LYS A 216 5.02 1.85 -22.70
N LEU A 217 4.62 0.97 -23.60
CA LEU A 217 5.60 0.12 -24.26
C LEU A 217 6.49 0.93 -25.20
N LYS A 218 5.91 1.92 -25.89
CA LYS A 218 6.69 2.79 -26.76
C LYS A 218 7.79 3.49 -25.98
N GLU A 219 7.50 3.90 -24.74
CA GLU A 219 8.52 4.54 -23.93
C GLU A 219 9.61 3.57 -23.55
N ARG A 220 9.26 2.31 -23.24
CA ARG A 220 10.29 1.34 -22.91
C ARG A 220 11.14 1.03 -24.14
N LEU A 221 10.51 1.00 -25.32
CA LEU A 221 11.25 0.74 -26.55
C LEU A 221 12.23 1.89 -26.84
N HIS A 222 11.82 3.13 -26.59
N HIS A 222 11.78 3.13 -26.63
CA HIS A 222 12.74 4.23 -26.83
CA HIS A 222 12.67 4.28 -26.77
C HIS A 222 13.84 4.30 -25.78
C HIS A 222 13.86 4.18 -25.82
N ALA A 223 13.60 3.76 -24.58
CA ALA A 223 14.67 3.69 -23.59
C ALA A 223 15.72 2.66 -23.96
N VAL A 224 15.29 1.51 -24.51
CA VAL A 224 16.22 0.47 -24.93
C VAL A 224 16.91 0.77 -26.25
N MET A 225 16.42 1.74 -27.00
CA MET A 225 17.04 2.10 -28.27
C MET A 225 17.55 3.54 -28.25
N VAL B 5 18.93 16.05 15.14
CA VAL B 5 19.05 16.21 13.70
C VAL B 5 17.71 15.96 13.03
N HIS B 6 17.14 16.99 12.43
CA HIS B 6 15.81 16.87 11.87
C HIS B 6 15.77 15.84 10.76
N MET B 7 14.72 15.02 10.73
CA MET B 7 14.54 14.10 9.63
C MET B 7 13.08 14.23 9.24
N MET B 8 12.79 14.10 7.94
CA MET B 8 11.45 14.43 7.49
C MET B 8 10.45 13.35 7.87
N SER B 9 10.79 12.07 7.63
CA SER B 9 9.91 10.93 7.81
C SER B 9 10.39 10.02 8.94
N LYS B 10 9.54 9.03 9.27
CA LYS B 10 9.88 7.95 10.18
C LYS B 10 10.71 6.90 9.46
N PRO B 11 11.65 6.24 10.14
CA PRO B 11 12.37 5.15 9.48
C PRO B 11 11.41 4.01 9.13
N VAL B 12 11.67 3.37 7.99
CA VAL B 12 10.88 2.24 7.52
C VAL B 12 11.77 1.01 7.53
N LEU B 13 11.35 -0.01 8.28
CA LEU B 13 12.08 -1.27 8.39
C LEU B 13 11.44 -2.30 7.48
N TYR B 14 12.19 -2.74 6.46
CA TYR B 14 11.77 -3.81 5.57
C TYR B 14 12.23 -5.13 6.18
N TYR B 15 11.32 -6.05 6.45
CA TYR B 15 11.66 -7.16 7.33
C TYR B 15 10.89 -8.44 6.99
N ASP B 16 11.46 -9.57 7.44
CA ASP B 16 10.78 -10.86 7.55
C ASP B 16 11.29 -11.52 8.83
N ASP B 17 10.40 -11.82 9.76
CA ASP B 17 10.91 -12.21 11.08
C ASP B 17 11.40 -13.66 11.16
N ILE B 18 11.36 -14.44 10.07
CA ILE B 18 12.09 -15.70 10.12
C ILE B 18 13.60 -15.46 10.19
N SER B 19 14.07 -14.29 9.77
CA SER B 19 15.51 -14.01 9.61
C SER B 19 16.12 -13.62 10.96
N PRO B 20 17.24 -14.23 11.37
CA PRO B 20 17.89 -13.79 12.62
C PRO B 20 18.35 -12.34 12.54
N PRO B 21 18.98 -11.90 11.42
CA PRO B 21 19.31 -10.47 11.32
C PRO B 21 18.12 -9.55 11.56
N VAL B 22 16.95 -9.91 11.01
CA VAL B 22 15.74 -9.12 11.24
C VAL B 22 15.39 -9.09 12.72
N ARG B 23 15.43 -10.26 13.37
CA ARG B 23 15.02 -10.35 14.77
C ARG B 23 15.97 -9.62 15.69
N GLY B 24 17.26 -9.51 15.32
CA GLY B 24 18.14 -8.64 16.09
C GLY B 24 17.63 -7.22 16.12
N VAL B 25 17.15 -6.73 14.97
CA VAL B 25 16.58 -5.39 14.89
C VAL B 25 15.28 -5.30 15.65
N LEU B 26 14.40 -6.31 15.50
CA LEU B 26 13.12 -6.24 16.20
C LEU B 26 13.32 -6.20 17.70
N LEU B 27 14.28 -6.98 18.21
CA LEU B 27 14.59 -6.92 19.63
C LEU B 27 15.10 -5.54 20.02
N THR B 28 15.94 -4.95 19.17
CA THR B 28 16.47 -3.62 19.45
C THR B 28 15.35 -2.57 19.50
N VAL B 29 14.44 -2.61 18.52
CA VAL B 29 13.32 -1.69 18.49
C VAL B 29 12.50 -1.80 19.77
N ALA B 30 12.25 -3.03 20.21
CA ALA B 30 11.50 -3.22 21.46
C ALA B 30 12.28 -2.73 22.68
N ALA B 31 13.59 -3.04 22.73
CA ALA B 31 14.39 -2.63 23.88
C ALA B 31 14.51 -1.11 23.98
N LEU B 32 14.61 -0.43 22.84
CA LEU B 32 14.64 1.03 22.82
C LEU B 32 13.27 1.66 23.00
N GLY B 33 12.19 0.87 22.97
CA GLY B 33 10.85 1.41 23.11
C GLY B 33 10.43 2.32 21.98
N ILE B 34 10.86 2.05 20.75
CA ILE B 34 10.58 2.95 19.62
C ILE B 34 9.62 2.30 18.63
N LYS B 35 8.79 1.38 19.12
CA LYS B 35 7.72 0.80 18.32
C LYS B 35 6.92 1.87 17.56
N ASP B 36 6.57 2.97 18.23
CA ASP B 36 5.77 4.00 17.58
C ASP B 36 6.60 4.91 16.67
N GLN B 37 7.92 4.77 16.65
CA GLN B 37 8.78 5.66 15.89
C GLN B 37 9.35 5.04 14.63
N VAL B 38 9.09 3.76 14.39
CA VAL B 38 9.64 3.02 13.25
C VAL B 38 8.47 2.31 12.57
N GLU B 39 8.36 2.46 11.26
CA GLU B 39 7.33 1.78 10.49
C GLU B 39 7.84 0.44 10.00
N LEU B 40 6.96 -0.56 9.96
CA LEU B 40 7.29 -1.90 9.50
C LEU B 40 6.73 -2.12 8.11
N LYS B 41 7.54 -2.70 7.22
CA LYS B 41 7.08 -3.12 5.90
C LYS B 41 7.52 -4.56 5.68
N LEU B 42 6.55 -5.46 5.57
CA LEU B 42 6.85 -6.87 5.39
C LEU B 42 7.38 -7.13 3.99
N VAL B 43 8.50 -7.85 3.91
CA VAL B 43 9.09 -8.34 2.67
C VAL B 43 9.28 -9.83 2.87
N ARG B 44 8.36 -10.65 2.34
CA ARG B 44 8.34 -12.08 2.67
C ARG B 44 9.29 -12.87 1.77
N LEU B 45 10.25 -13.54 2.39
CA LEU B 45 11.26 -14.29 1.65
C LEU B 45 10.66 -15.49 0.92
N PHE B 46 9.79 -16.25 1.58
CA PHE B 46 9.20 -17.42 0.92
C PHE B 46 8.34 -17.02 -0.27
N GLU B 47 7.71 -15.86 -0.19
CA GLU B 47 6.99 -15.27 -1.33
C GLU B 47 7.90 -14.77 -2.44
N ARG B 48 9.19 -14.54 -2.14
CA ARG B 48 10.19 -13.98 -3.04
C ARG B 48 9.97 -12.49 -3.32
N GLU B 49 9.38 -11.78 -2.34
CA GLU B 49 9.24 -10.34 -2.43
C GLU B 49 10.57 -9.60 -2.36
N HIS B 50 11.61 -10.24 -1.85
CA HIS B 50 12.94 -9.63 -1.83
C HIS B 50 13.60 -9.62 -3.19
N LEU B 51 13.00 -10.25 -4.20
CA LEU B 51 13.57 -10.24 -5.54
C LEU B 51 12.82 -9.31 -6.48
N LEU B 52 11.78 -8.63 -6.00
CA LEU B 52 11.07 -7.65 -6.82
C LEU B 52 11.98 -6.48 -7.16
N GLU B 53 11.65 -5.81 -8.27
CA GLU B 53 12.56 -4.80 -8.80
C GLU B 53 12.77 -3.64 -7.84
N ASP B 54 11.71 -3.18 -7.17
CA ASP B 54 11.88 -2.04 -6.27
C ASP B 54 12.78 -2.40 -5.11
N PHE B 55 12.66 -3.63 -4.58
CA PHE B 55 13.49 -3.97 -3.44
C PHE B 55 14.94 -4.17 -3.83
N VAL B 56 15.18 -4.79 -4.99
CA VAL B 56 16.54 -4.94 -5.49
C VAL B 56 17.17 -3.59 -5.75
N LYS B 57 16.39 -2.63 -6.24
CA LYS B 57 16.91 -1.28 -6.42
C LYS B 57 17.31 -0.67 -5.08
N LEU B 58 16.50 -0.91 -4.05
CA LEU B 58 16.82 -0.42 -2.71
C LEU B 58 18.06 -1.11 -2.16
N ASN B 59 18.17 -2.42 -2.38
CA ASN B 59 19.24 -3.23 -1.81
C ASN B 59 19.70 -4.26 -2.84
N PRO B 60 20.81 -4.04 -3.54
CA PRO B 60 21.27 -5.05 -4.51
C PRO B 60 21.64 -6.38 -3.88
N LEU B 61 21.82 -6.45 -2.56
CA LEU B 61 22.02 -7.74 -1.92
C LEU B 61 20.73 -8.54 -1.81
N HIS B 62 19.58 -7.93 -2.15
CA HIS B 62 18.26 -8.58 -2.08
C HIS B 62 18.08 -9.38 -0.79
N ALA B 63 18.27 -8.69 0.34
CA ALA B 63 18.21 -9.32 1.65
C ALA B 63 17.55 -8.39 2.64
N VAL B 64 16.97 -8.99 3.69
CA VAL B 64 16.34 -8.29 4.80
C VAL B 64 17.21 -8.46 6.04
N PRO B 65 17.26 -7.47 6.94
CA PRO B 65 16.49 -6.23 6.89
C PRO B 65 17.14 -5.10 6.11
N VAL B 66 16.29 -4.14 5.76
CA VAL B 66 16.72 -2.87 5.22
C VAL B 66 15.99 -1.78 6.01
N LEU B 67 16.68 -0.66 6.26
CA LEU B 67 16.05 0.51 6.87
C LEU B 67 16.19 1.68 5.92
N LYS B 68 15.07 2.33 5.60
CA LYS B 68 15.10 3.56 4.83
C LYS B 68 14.67 4.70 5.73
N HIS B 69 15.48 5.75 5.79
CA HIS B 69 15.16 6.93 6.60
C HIS B 69 15.42 8.15 5.75
N ASP B 70 14.35 8.74 5.18
CA ASP B 70 14.49 9.74 4.13
C ASP B 70 15.38 9.17 3.04
N ASP B 71 16.53 9.81 2.77
CA ASP B 71 17.46 9.37 1.74
C ASP B 71 18.48 8.35 2.23
N LEU B 72 18.52 8.06 3.53
CA LEU B 72 19.47 7.08 4.04
C LEU B 72 18.94 5.67 3.86
N VAL B 73 19.75 4.79 3.26
CA VAL B 73 19.35 3.39 3.07
C VAL B 73 20.42 2.49 3.69
N LEU B 74 20.05 1.81 4.77
CA LEU B 74 20.93 0.88 5.47
C LEU B 74 20.54 -0.55 5.12
N THR B 75 21.54 -1.36 4.81
CA THR B 75 21.32 -2.68 4.23
C THR B 75 22.08 -3.75 5.01
N ASP B 76 22.25 -3.54 6.31
CA ASP B 76 22.79 -4.60 7.16
C ASP B 76 22.21 -4.37 8.55
N SER B 77 21.66 -5.43 9.15
CA SER B 77 21.03 -5.31 10.47
C SER B 77 21.93 -4.67 11.51
N HIS B 78 23.25 -4.90 11.44
CA HIS B 78 24.15 -4.37 12.45
C HIS B 78 24.33 -2.87 12.30
N ALA B 79 24.33 -2.35 11.06
CA ALA B 79 24.33 -0.92 10.86
C ALA B 79 23.00 -0.29 11.25
N ILE B 80 21.89 -0.98 10.98
CA ILE B 80 20.58 -0.48 11.38
C ILE B 80 20.53 -0.31 12.90
N ILE B 81 21.03 -1.32 13.63
CA ILE B 81 20.98 -1.31 15.09
C ILE B 81 21.78 -0.13 15.65
N MET B 82 23.01 0.08 15.16
CA MET B 82 23.80 1.19 15.68
C MET B 82 23.17 2.53 15.36
N TYR B 83 22.59 2.67 14.17
CA TYR B 83 21.96 3.93 13.80
C TYR B 83 20.74 4.21 14.67
N LEU B 84 19.90 3.21 14.90
CA LEU B 84 18.73 3.41 15.75
C LEU B 84 19.17 3.82 17.16
N CYS B 85 20.27 3.24 17.65
CA CYS B 85 20.80 3.66 18.94
C CYS B 85 21.20 5.12 18.94
N ASP B 86 21.85 5.57 17.86
CA ASP B 86 22.32 6.94 17.79
C ASP B 86 21.18 7.95 17.77
N ILE B 87 20.12 7.68 17.02
CA ILE B 87 19.08 8.70 16.88
C ILE B 87 17.92 8.54 17.86
N PHE B 88 17.74 7.36 18.48
CA PHE B 88 16.67 7.17 19.45
C PHE B 88 17.11 6.74 20.83
N GLY B 89 18.37 6.40 21.04
CA GLY B 89 18.76 5.83 22.32
C GLY B 89 19.85 6.54 23.10
N GLN B 90 20.14 7.80 22.77
CA GLN B 90 21.26 8.45 23.44
C GLN B 90 20.98 8.72 24.92
N ASP B 91 19.72 8.87 25.30
CA ASP B 91 19.36 9.23 26.67
C ASP B 91 19.01 8.05 27.55
N GLY B 92 19.07 6.82 27.04
CA GLY B 92 18.66 5.67 27.81
C GLY B 92 19.77 4.67 28.08
N ASP B 93 19.37 3.49 28.56
CA ASP B 93 20.33 2.47 29.00
C ASP B 93 21.12 1.83 27.87
N PHE B 94 20.74 2.07 26.61
CA PHE B 94 21.43 1.47 25.48
C PHE B 94 22.31 2.46 24.73
N SER B 95 22.57 3.62 25.32
CA SER B 95 23.35 4.67 24.67
C SER B 95 24.75 4.18 24.30
N LEU B 96 25.20 4.61 23.13
CA LEU B 96 26.55 4.37 22.64
C LEU B 96 27.38 5.66 22.58
N LYS B 97 27.11 6.60 23.48
CA LYS B 97 27.78 7.90 23.40
C LYS B 97 29.27 7.80 23.71
N ASP B 98 29.68 6.88 24.59
CA ASP B 98 31.07 6.80 24.97
C ASP B 98 31.85 6.01 23.93
N PRO B 99 32.96 6.54 23.39
CA PRO B 99 33.65 5.84 22.30
C PRO B 99 34.13 4.43 22.64
N LYS B 100 34.60 4.18 23.87
CA LYS B 100 35.07 2.83 24.16
C LYS B 100 33.90 1.86 24.39
N GLN B 101 32.83 2.33 25.01
CA GLN B 101 31.62 1.52 25.10
C GLN B 101 31.07 1.21 23.71
N ARG B 102 31.04 2.23 22.84
CA ARG B 102 30.57 2.01 21.48
C ARG B 102 31.43 0.96 20.78
N ALA B 103 32.75 1.01 20.98
CA ALA B 103 33.63 0.08 20.29
C ALA B 103 33.47 -1.35 20.81
N ARG B 104 33.24 -1.49 22.12
CA ARG B 104 32.97 -2.82 22.68
C ARG B 104 31.71 -3.41 22.07
N VAL B 105 30.67 -2.61 21.93
CA VAL B 105 29.41 -3.07 21.35
C VAL B 105 29.60 -3.41 19.87
N HIS B 106 30.23 -2.50 19.12
CA HIS B 106 30.49 -2.75 17.70
C HIS B 106 31.33 -4.02 17.52
N ASN B 107 32.33 -4.23 18.39
CA ASN B 107 33.15 -5.42 18.31
C ASN B 107 32.30 -6.70 18.37
N ARG B 108 31.29 -6.72 19.23
CA ARG B 108 30.46 -7.92 19.33
C ARG B 108 29.43 -7.99 18.21
N LEU B 109 28.99 -6.84 17.69
CA LEU B 109 28.15 -6.86 16.49
C LEU B 109 28.94 -7.47 15.34
N CYS B 110 30.24 -7.14 15.21
CA CYS B 110 31.06 -7.75 14.16
C CYS B 110 31.20 -9.25 14.35
N PHE B 111 31.38 -9.71 15.59
CA PHE B 111 31.42 -11.14 15.87
C PHE B 111 30.15 -11.82 15.35
N ASN B 112 29.00 -11.23 15.61
CA ASN B 112 27.78 -11.87 15.12
C ASN B 112 27.74 -11.87 13.60
N ASN B 113 28.03 -10.72 12.98
CA ASN B 113 27.85 -10.60 11.55
C ASN B 113 28.84 -11.47 10.79
N ALA B 114 30.09 -11.53 11.26
CA ALA B 114 31.16 -12.16 10.51
C ALA B 114 31.51 -13.55 10.98
N VAL B 115 31.01 -13.97 12.15
CA VAL B 115 31.36 -15.28 12.68
C VAL B 115 30.09 -16.08 12.94
N LEU B 116 29.30 -15.70 13.95
CA LEU B 116 28.18 -16.54 14.36
C LEU B 116 27.11 -16.64 13.28
N PHE B 117 26.67 -15.50 12.73
CA PHE B 117 25.65 -15.57 11.69
C PHE B 117 26.17 -16.28 10.45
N GLN B 118 27.43 -16.05 10.07
CA GLN B 118 27.96 -16.69 8.87
C GLN B 118 27.92 -18.20 9.02
N ARG B 119 28.28 -18.71 10.20
CA ARG B 119 28.32 -20.15 10.40
C ARG B 119 26.92 -20.73 10.55
N GLU B 120 26.02 -19.97 11.15
CA GLU B 120 24.63 -20.39 11.23
C GLU B 120 24.00 -20.47 9.84
N SER B 121 24.22 -19.43 9.04
CA SER B 121 23.49 -19.32 7.78
C SER B 121 24.00 -20.32 6.74
N ILE B 122 25.26 -20.72 6.84
CA ILE B 122 25.77 -21.79 5.98
C ILE B 122 24.91 -23.03 6.13
N VAL B 123 24.62 -23.41 7.37
CA VAL B 123 23.84 -24.61 7.64
C VAL B 123 22.37 -24.41 7.28
N MET B 124 21.80 -23.29 7.74
N MET B 124 21.80 -23.27 7.70
CA MET B 124 20.37 -23.05 7.53
CA MET B 124 20.36 -23.10 7.53
C MET B 124 20.05 -22.93 6.04
C MET B 124 19.99 -22.83 6.07
N ARG B 125 20.84 -22.12 5.32
CA ARG B 125 20.59 -21.96 3.88
C ARG B 125 20.68 -23.29 3.16
N GLY B 126 21.62 -24.15 3.57
CA GLY B 126 21.72 -25.46 2.95
C GLY B 126 20.51 -26.34 3.21
N LEU B 127 20.00 -26.30 4.45
CA LEU B 127 18.85 -27.14 4.78
C LEU B 127 17.60 -26.69 4.03
N ILE B 128 17.38 -25.38 3.92
CA ILE B 128 16.15 -24.88 3.30
C ILE B 128 16.12 -25.22 1.81
N ASN B 129 17.21 -24.94 1.08
CA ASN B 129 17.26 -25.31 -0.31
C ASN B 129 17.61 -26.78 -0.53
N ARG B 130 17.62 -27.58 0.54
CA ARG B 130 17.83 -29.02 0.53
C ARG B 130 19.24 -29.43 0.10
N SER B 131 20.17 -28.48 0.02
CA SER B 131 21.56 -28.83 -0.28
C SER B 131 22.16 -29.73 0.80
N ILE B 132 21.60 -29.72 2.00
CA ILE B 132 22.06 -30.55 3.10
C ILE B 132 20.91 -31.47 3.51
N VAL B 133 21.19 -32.76 3.62
CA VAL B 133 20.20 -33.74 4.05
C VAL B 133 20.42 -34.15 5.50
N THR B 134 21.63 -34.57 5.84
CA THR B 134 22.01 -34.92 7.20
C THR B 134 23.06 -33.93 7.68
N LEU B 135 22.81 -33.30 8.82
CA LEU B 135 23.77 -32.35 9.39
C LEU B 135 24.96 -33.11 9.93
N GLU B 136 26.09 -33.04 9.24
CA GLU B 136 27.27 -33.78 9.64
C GLU B 136 28.01 -33.05 10.75
N ASP B 137 28.80 -33.82 11.52
CA ASP B 137 29.68 -33.22 12.51
C ASP B 137 30.60 -32.18 11.87
N HIS B 138 30.89 -32.34 10.58
CA HIS B 138 31.64 -31.33 9.86
C HIS B 138 30.89 -30.01 9.77
N HIS B 139 29.57 -30.02 9.93
CA HIS B 139 28.77 -28.79 9.83
C HIS B 139 28.73 -28.04 11.14
N LEU B 140 28.73 -28.76 12.26
CA LEU B 140 28.48 -28.17 13.55
C LEU B 140 29.74 -27.65 14.23
N LYS B 141 30.91 -28.18 13.87
CA LYS B 141 32.15 -27.76 14.52
C LYS B 141 32.37 -26.26 14.47
N PRO B 142 32.21 -25.56 13.33
CA PRO B 142 32.36 -24.09 13.35
C PRO B 142 31.39 -23.41 14.30
N VAL B 143 30.15 -23.89 14.37
CA VAL B 143 29.19 -23.29 15.31
C VAL B 143 29.64 -23.51 16.75
N GLN B 144 30.13 -24.70 17.07
CA GLN B 144 30.60 -24.95 18.43
C GLN B 144 31.83 -24.12 18.77
N GLU B 145 32.70 -23.85 17.79
CA GLU B 145 33.82 -22.94 18.04
C GLU B 145 33.32 -21.53 18.34
N ALA B 146 32.27 -21.09 17.66
CA ALA B 146 31.70 -19.79 17.99
C ALA B 146 31.11 -19.80 19.40
N TYR B 147 30.48 -20.90 19.79
CA TYR B 147 30.00 -21.02 21.17
C TYR B 147 31.14 -20.90 22.15
N ASP B 148 32.29 -21.52 21.83
CA ASP B 148 33.47 -21.43 22.69
C ASP B 148 33.89 -19.98 22.89
N CYS B 149 33.84 -19.18 21.82
CA CYS B 149 34.18 -17.76 21.94
C CYS B 149 33.18 -17.02 22.80
N LEU B 150 31.88 -17.23 22.54
CA LEU B 150 30.86 -16.58 23.33
C LEU B 150 31.00 -16.93 24.81
N GLU B 151 31.40 -18.17 25.12
CA GLU B 151 31.60 -18.55 26.51
C GLU B 151 32.71 -17.74 27.16
N VAL B 152 33.80 -17.49 26.42
CA VAL B 152 34.85 -16.60 26.92
C VAL B 152 34.30 -15.21 27.19
N TYR B 153 33.57 -14.66 26.21
CA TYR B 153 33.05 -13.31 26.39
C TYR B 153 32.19 -13.21 27.64
N LEU B 154 31.32 -14.20 27.86
CA LEU B 154 30.39 -14.14 28.97
C LEU B 154 31.02 -14.60 30.28
N THR B 155 32.27 -15.02 30.25
CA THR B 155 33.05 -15.18 31.47
C THR B 155 33.70 -13.87 31.87
N ASN B 156 34.10 -13.06 30.89
CA ASN B 156 34.79 -11.82 31.15
C ASN B 156 33.83 -10.66 31.46
N SER B 157 32.59 -10.74 31.01
CA SER B 157 31.57 -9.77 31.39
C SER B 157 30.22 -10.46 31.45
N LYS B 158 29.27 -9.80 32.11
CA LYS B 158 28.01 -10.46 32.42
C LYS B 158 27.14 -10.63 31.18
N PHE B 159 27.16 -9.65 30.28
CA PHE B 159 26.52 -9.72 28.98
C PHE B 159 27.60 -9.75 27.90
N VAL B 160 27.20 -9.74 26.62
CA VAL B 160 28.20 -10.11 25.63
C VAL B 160 29.28 -9.05 25.49
N ALA B 161 28.96 -7.77 25.69
CA ALA B 161 29.91 -6.71 25.43
C ALA B 161 30.44 -6.05 26.69
N CYS B 162 29.71 -6.13 27.78
CA CYS B 162 30.07 -5.51 29.05
C CYS B 162 29.13 -6.06 30.12
N ASP B 163 29.17 -5.48 31.32
CA ASP B 163 28.38 -6.04 32.40
C ASP B 163 26.90 -5.70 32.34
N GLN B 164 26.50 -4.81 31.42
CA GLN B 164 25.10 -4.47 31.22
C GLN B 164 24.64 -4.99 29.86
N LEU B 165 23.35 -5.28 29.78
CA LEU B 165 22.72 -5.57 28.50
C LEU B 165 22.95 -4.42 27.53
N THR B 166 23.36 -4.75 26.30
CA THR B 166 23.52 -3.75 25.24
C THR B 166 22.86 -4.27 23.99
N VAL B 167 22.82 -3.44 22.96
CA VAL B 167 22.23 -3.91 21.71
C VAL B 167 23.03 -5.04 21.09
N ALA B 168 24.30 -5.24 21.50
CA ALA B 168 25.04 -6.36 20.92
C ALA B 168 24.47 -7.71 21.33
N ASP B 169 23.75 -7.76 22.45
CA ASP B 169 23.17 -9.02 22.88
C ASP B 169 22.06 -9.48 21.96
N PHE B 170 21.47 -8.56 21.18
CA PHE B 170 20.25 -8.93 20.46
C PHE B 170 20.52 -9.68 19.16
N PRO B 171 21.42 -9.23 18.28
CA PRO B 171 21.73 -10.08 17.10
C PRO B 171 22.24 -11.44 17.50
N ILE B 172 23.05 -11.50 18.56
CA ILE B 172 23.63 -12.77 18.97
C ILE B 172 22.53 -13.72 19.47
N VAL B 173 21.59 -13.23 20.30
CA VAL B 173 20.56 -14.17 20.77
C VAL B 173 19.60 -14.55 19.64
N ALA B 174 19.34 -13.63 18.70
CA ALA B 174 18.53 -14.00 17.53
C ALA B 174 19.19 -15.16 16.79
N CYS B 175 20.51 -15.09 16.60
N CYS B 175 20.50 -15.10 16.62
CA CYS B 175 21.23 -16.20 15.96
CA CYS B 175 21.19 -16.20 15.94
C CYS B 175 21.22 -17.45 16.83
C CYS B 175 21.24 -17.45 16.82
N MET B 176 21.50 -17.29 18.13
CA MET B 176 21.62 -18.45 19.01
C MET B 176 20.32 -19.24 19.06
N SER B 177 19.19 -18.53 19.03
CA SER B 177 17.89 -19.17 19.09
C SER B 177 17.50 -19.82 17.78
N THR B 178 18.21 -19.50 16.70
CA THR B 178 17.98 -20.11 15.39
C THR B 178 18.88 -21.33 15.19
N VAL B 179 20.20 -21.13 15.30
CA VAL B 179 21.14 -22.22 15.09
C VAL B 179 20.99 -23.28 16.19
N GLY B 180 20.46 -22.91 17.35
CA GLY B 180 20.21 -23.89 18.39
C GLY B 180 19.30 -25.01 17.95
N MET B 181 18.48 -24.77 16.91
CA MET B 181 17.56 -25.79 16.43
C MET B 181 18.29 -26.95 15.77
N VAL B 182 19.51 -26.74 15.30
CA VAL B 182 20.32 -27.79 14.71
C VAL B 182 21.59 -28.09 15.51
N CYS B 183 22.04 -27.16 16.35
CA CYS B 183 23.25 -27.33 17.14
C CYS B 183 22.94 -26.84 18.54
N PRO B 184 22.23 -27.64 19.33
CA PRO B 184 21.74 -27.14 20.61
C PRO B 184 22.86 -26.88 21.60
N LEU B 185 22.65 -25.87 22.42
CA LEU B 185 23.62 -25.50 23.45
C LEU B 185 23.56 -26.52 24.57
N SER B 186 24.72 -27.05 24.96
CA SER B 186 24.87 -27.88 26.14
C SER B 186 25.16 -27.01 27.36
N THR B 187 24.31 -27.10 28.37
CA THR B 187 24.52 -26.30 29.58
C THR B 187 25.77 -26.72 30.31
N SER B 188 26.10 -28.01 30.31
CA SER B 188 27.29 -28.44 31.03
C SER B 188 28.55 -27.97 30.31
N ARG B 189 28.52 -27.87 28.99
CA ARG B 189 29.69 -27.50 28.19
C ARG B 189 29.87 -25.99 28.06
N TRP B 190 28.79 -25.23 27.98
CA TRP B 190 28.84 -23.77 27.87
C TRP B 190 27.93 -23.18 28.93
N PRO B 191 28.31 -23.29 30.20
CA PRO B 191 27.39 -22.88 31.28
C PRO B 191 27.10 -21.39 31.31
N LYS B 192 28.09 -20.53 31.07
CA LYS B 192 27.82 -19.11 31.09
C LYS B 192 26.94 -18.70 29.92
N THR B 193 27.16 -19.31 28.76
CA THR B 193 26.32 -18.99 27.60
C THR B 193 24.89 -19.45 27.83
N ALA B 194 24.72 -20.63 28.42
CA ALA B 194 23.37 -21.13 28.69
C ALA B 194 22.65 -20.22 29.66
N ALA B 195 23.35 -19.75 30.69
CA ALA B 195 22.71 -18.89 31.68
C ALA B 195 22.32 -17.56 31.05
N TRP B 196 23.22 -17.01 30.23
CA TRP B 196 22.91 -15.77 29.52
C TRP B 196 21.72 -15.93 28.60
N PHE B 197 21.66 -17.07 27.88
CA PHE B 197 20.55 -17.33 26.97
C PHE B 197 19.23 -17.36 27.72
N GLU B 198 19.20 -18.01 28.89
CA GLU B 198 17.97 -18.02 29.67
C GLU B 198 17.61 -16.62 30.16
N THR B 199 18.60 -15.82 30.54
CA THR B 199 18.34 -14.44 30.93
C THR B 199 17.71 -13.67 29.77
N MET B 200 18.26 -13.82 28.57
CA MET B 200 17.70 -13.15 27.40
C MET B 200 16.25 -13.57 27.16
N LYS B 201 15.96 -14.86 27.30
CA LYS B 201 14.61 -15.36 27.03
C LYS B 201 13.58 -14.78 27.98
N GLN B 202 14.01 -14.30 29.15
CA GLN B 202 13.08 -13.74 30.12
C GLN B 202 12.81 -12.27 29.88
N LEU B 203 13.46 -11.64 28.91
CA LEU B 203 13.17 -10.24 28.63
C LEU B 203 11.71 -10.12 28.20
N PRO B 204 11.02 -9.04 28.60
CA PRO B 204 9.58 -8.99 28.35
C PRO B 204 9.22 -9.01 26.87
N TYR B 205 10.13 -8.59 26.00
CA TYR B 205 9.87 -8.49 24.57
C TYR B 205 10.45 -9.65 23.77
N TYR B 206 11.03 -10.65 24.43
CA TYR B 206 11.64 -11.73 23.68
C TYR B 206 10.60 -12.57 22.94
N GLN B 207 9.49 -12.90 23.59
CA GLN B 207 8.50 -13.80 22.97
C GLN B 207 8.04 -13.28 21.62
N GLN B 208 7.62 -12.03 21.56
CA GLN B 208 7.01 -11.55 20.33
C GLN B 208 8.01 -10.96 19.34
N ALA B 209 9.15 -10.46 19.80
CA ALA B 209 10.15 -9.92 18.88
C ALA B 209 11.05 -11.01 18.31
N ASN B 210 11.22 -12.12 19.03
CA ASN B 210 12.11 -13.17 18.56
C ASN B 210 11.48 -14.55 18.46
N GLN B 211 10.78 -15.03 19.51
CA GLN B 211 10.31 -16.40 19.48
C GLN B 211 9.29 -16.64 18.35
N VAL B 212 8.45 -15.66 18.06
CA VAL B 212 7.45 -15.83 16.99
C VAL B 212 8.14 -16.19 15.68
N GLY B 213 9.20 -15.46 15.35
CA GLY B 213 9.90 -15.72 14.11
C GLY B 213 10.68 -17.02 14.14
N VAL B 214 11.28 -17.34 15.28
CA VAL B 214 11.92 -18.65 15.47
C VAL B 214 10.91 -19.77 15.19
N ASP B 215 9.71 -19.64 15.76
CA ASP B 215 8.71 -20.70 15.59
C ASP B 215 8.30 -20.86 14.13
N LYS B 216 8.19 -19.74 13.39
CA LYS B 216 7.88 -19.86 11.97
C LYS B 216 8.99 -20.56 11.21
N LEU B 217 10.25 -20.21 11.50
CA LEU B 217 11.35 -20.89 10.84
C LEU B 217 11.37 -22.38 11.17
N LYS B 218 11.13 -22.72 12.45
CA LYS B 218 11.05 -24.12 12.86
C LYS B 218 10.06 -24.89 12.00
N GLU B 219 8.88 -24.32 11.76
CA GLU B 219 7.89 -24.97 10.91
C GLU B 219 8.43 -25.19 9.50
N ARG B 220 9.10 -24.18 8.94
CA ARG B 220 9.66 -24.35 7.59
C ARG B 220 10.74 -25.42 7.59
N LEU B 221 11.58 -25.45 8.63
CA LEU B 221 12.62 -26.47 8.74
C LEU B 221 12.02 -27.87 8.83
N HIS B 222 11.03 -28.05 9.71
CA HIS B 222 10.42 -29.37 9.88
C HIS B 222 9.82 -29.87 8.58
N ALA B 223 9.16 -28.98 7.83
CA ALA B 223 8.54 -29.40 6.57
C ALA B 223 9.58 -29.80 5.55
N VAL B 224 10.59 -28.95 5.33
CA VAL B 224 11.61 -29.22 4.33
C VAL B 224 12.41 -30.47 4.69
N MET B 225 12.60 -30.74 5.98
CA MET B 225 13.22 -32.00 6.40
C MET B 225 12.16 -33.02 6.75
N MET C 7 -12.15 12.47 15.42
CA MET C 7 -11.80 11.95 14.11
C MET C 7 -11.33 10.49 14.30
N MET C 8 -11.73 9.61 13.37
CA MET C 8 -11.51 8.18 13.56
C MET C 8 -10.03 7.81 13.43
N SER C 9 -9.31 8.43 12.51
CA SER C 9 -7.88 8.19 12.34
C SER C 9 -7.15 9.53 12.29
N LYS C 10 -5.78 9.49 12.33
CA LYS C 10 -5.06 10.77 12.22
C LYS C 10 -4.63 10.97 10.77
N PRO C 11 -4.30 12.22 10.37
CA PRO C 11 -4.22 12.51 8.94
C PRO C 11 -3.12 11.70 8.26
N VAL C 12 -3.44 11.22 7.06
CA VAL C 12 -2.53 10.46 6.22
C VAL C 12 -2.15 11.33 5.03
N LEU C 13 -0.85 11.58 4.85
CA LEU C 13 -0.33 12.38 3.74
C LEU C 13 0.26 11.46 2.68
N TYR C 14 -0.33 11.46 1.50
CA TYR C 14 0.16 10.72 0.33
C TYR C 14 1.15 11.63 -0.40
N TYR C 15 2.40 11.17 -0.58
CA TYR C 15 3.43 12.12 -0.94
C TYR C 15 4.54 11.50 -1.80
N ASP C 16 5.20 12.38 -2.56
CA ASP C 16 6.48 12.11 -3.20
C ASP C 16 7.30 13.39 -3.10
N ASP C 17 8.44 13.35 -2.41
CA ASP C 17 9.09 14.63 -2.16
C ASP C 17 9.87 15.18 -3.37
N ILE C 18 9.85 14.56 -4.55
CA ILE C 18 10.37 15.29 -5.70
C ILE C 18 9.47 16.48 -6.06
N SER C 19 8.21 16.45 -5.64
CA SER C 19 7.16 17.39 -6.05
C SER C 19 7.22 18.67 -5.23
N PRO C 20 7.22 19.85 -5.83
CA PRO C 20 7.20 21.09 -5.02
C PRO C 20 5.94 21.18 -4.18
N PRO C 21 4.74 20.90 -4.72
CA PRO C 21 3.55 20.93 -3.84
C PRO C 21 3.71 20.05 -2.62
N VAL C 22 4.28 18.85 -2.78
CA VAL C 22 4.52 17.98 -1.63
C VAL C 22 5.48 18.65 -0.65
N ARG C 23 6.58 19.19 -1.14
CA ARG C 23 7.58 19.76 -0.23
C ARG C 23 7.05 20.98 0.51
N GLY C 24 6.12 21.75 -0.09
CA GLY C 24 5.47 22.80 0.67
C GLY C 24 4.77 22.26 1.91
N VAL C 25 4.11 21.09 1.76
CA VAL C 25 3.47 20.47 2.92
C VAL C 25 4.51 19.92 3.90
N LEU C 26 5.55 19.26 3.40
CA LEU C 26 6.55 18.69 4.31
C LEU C 26 7.25 19.78 5.10
N LEU C 27 7.55 20.91 4.45
CA LEU C 27 8.11 22.04 5.21
C LEU C 27 7.14 22.53 6.28
N THR C 28 5.85 22.61 5.93
CA THR C 28 4.85 23.06 6.88
C THR C 28 4.76 22.12 8.08
N VAL C 29 4.74 20.82 7.83
CA VAL C 29 4.67 19.84 8.91
C VAL C 29 5.85 20.02 9.86
N ALA C 30 7.05 20.21 9.30
CA ALA C 30 8.22 20.41 10.15
C ALA C 30 8.14 21.72 10.92
N ALA C 31 7.69 22.81 10.27
CA ALA C 31 7.66 24.12 10.93
C ALA C 31 6.64 24.15 12.06
N LEU C 32 5.49 23.51 11.86
CA LEU C 32 4.46 23.46 12.90
C LEU C 32 4.80 22.48 14.02
N GLY C 33 5.86 21.68 13.84
CA GLY C 33 6.25 20.71 14.84
C GLY C 33 5.28 19.55 14.98
N ILE C 34 4.69 19.10 13.86
CA ILE C 34 3.65 18.08 13.92
C ILE C 34 4.03 16.83 13.15
N LYS C 35 5.33 16.57 12.98
CA LYS C 35 5.75 15.35 12.30
C LYS C 35 5.12 14.11 12.92
N ASP C 36 5.00 14.07 14.24
CA ASP C 36 4.45 12.90 14.90
C ASP C 36 2.94 12.82 14.81
N GLN C 37 2.27 13.84 14.27
CA GLN C 37 0.82 13.88 14.16
C GLN C 37 0.30 13.57 12.75
N VAL C 38 1.19 13.41 11.78
CA VAL C 38 0.82 13.18 10.39
C VAL C 38 1.50 11.90 9.92
N GLU C 39 0.70 10.95 9.42
CA GLU C 39 1.22 9.69 8.91
C GLU C 39 1.53 9.82 7.43
N LEU C 40 2.70 9.34 7.02
CA LEU C 40 3.15 9.49 5.65
C LEU C 40 2.97 8.20 4.87
N LYS C 41 2.50 8.31 3.63
CA LYS C 41 2.40 7.19 2.71
C LYS C 41 3.01 7.58 1.37
N LEU C 42 4.08 6.89 0.97
CA LEU C 42 4.76 7.18 -0.29
C LEU C 42 3.88 6.83 -1.48
N VAL C 43 3.77 7.77 -2.41
CA VAL C 43 3.08 7.58 -3.69
C VAL C 43 4.03 8.17 -4.73
N ARG C 44 4.88 7.33 -5.31
CA ARG C 44 6.01 7.83 -6.08
C ARG C 44 5.64 7.99 -7.56
N LEU C 45 5.91 9.19 -8.09
CA LEU C 45 5.51 9.52 -9.45
C LEU C 45 6.25 8.69 -10.48
N PHE C 46 7.55 8.51 -10.30
CA PHE C 46 8.29 7.74 -11.31
C PHE C 46 7.99 6.26 -11.23
N GLU C 47 7.36 5.81 -10.15
CA GLU C 47 6.82 4.47 -10.00
C GLU C 47 5.39 4.38 -10.51
N ARG C 48 4.83 5.49 -11.01
CA ARG C 48 3.45 5.58 -11.48
C ARG C 48 2.43 5.18 -10.42
N GLU C 49 2.76 5.36 -9.14
CA GLU C 49 1.82 5.02 -8.09
C GLU C 49 0.64 6.00 -8.02
N HIS C 50 0.78 7.21 -8.56
CA HIS C 50 -0.32 8.16 -8.63
C HIS C 50 -1.36 7.78 -9.67
N LEU C 51 -1.08 6.76 -10.49
CA LEU C 51 -2.03 6.30 -11.49
C LEU C 51 -2.68 4.99 -11.09
N LEU C 52 -2.36 4.46 -9.91
CA LEU C 52 -2.98 3.22 -9.44
C LEU C 52 -4.46 3.45 -9.14
N GLU C 53 -5.25 2.42 -9.38
CA GLU C 53 -6.70 2.55 -9.35
C GLU C 53 -7.21 3.13 -8.02
N ASP C 54 -6.70 2.63 -6.90
CA ASP C 54 -7.22 3.11 -5.63
C ASP C 54 -6.85 4.57 -5.40
N PHE C 55 -5.67 4.99 -5.84
CA PHE C 55 -5.28 6.38 -5.62
C PHE C 55 -6.10 7.32 -6.47
N VAL C 56 -6.38 6.93 -7.72
CA VAL C 56 -7.22 7.74 -8.60
C VAL C 56 -8.64 7.82 -8.04
N LYS C 57 -9.11 6.75 -7.42
CA LYS C 57 -10.42 6.81 -6.76
C LYS C 57 -10.42 7.85 -5.66
N LEU C 58 -9.30 7.97 -4.95
CA LEU C 58 -9.17 8.99 -3.90
C LEU C 58 -9.08 10.38 -4.50
N ASN C 59 -8.31 10.53 -5.59
CA ASN C 59 -8.05 11.83 -6.19
C ASN C 59 -8.13 11.71 -7.70
N PRO C 60 -9.24 12.11 -8.34
CA PRO C 60 -9.32 12.00 -9.80
C PRO C 60 -8.29 12.85 -10.54
N LEU C 61 -7.64 13.81 -9.87
CA LEU C 61 -6.57 14.58 -10.49
C LEU C 61 -5.29 13.77 -10.59
N HIS C 62 -5.25 12.56 -9.99
CA HIS C 62 -4.10 11.64 -10.01
C HIS C 62 -2.79 12.38 -9.76
N ALA C 63 -2.76 13.14 -8.66
CA ALA C 63 -1.62 13.99 -8.31
C ALA C 63 -1.38 13.96 -6.81
N VAL C 64 -0.14 14.26 -6.44
CA VAL C 64 0.26 14.38 -5.05
C VAL C 64 0.57 15.84 -4.72
N PRO C 65 0.37 16.29 -3.49
CA PRO C 65 -0.06 15.49 -2.34
C PRO C 65 -1.58 15.36 -2.20
N VAL C 66 -1.98 14.37 -1.40
CA VAL C 66 -3.34 14.18 -0.93
C VAL C 66 -3.29 14.00 0.57
N LEU C 67 -4.27 14.55 1.29
CA LEU C 67 -4.40 14.34 2.72
C LEU C 67 -5.74 13.68 2.95
N LYS C 68 -5.74 12.54 3.64
CA LYS C 68 -6.99 11.89 4.01
C LYS C 68 -7.07 11.91 5.53
N HIS C 69 -8.15 12.48 6.05
CA HIS C 69 -8.40 12.54 7.48
C HIS C 69 -9.82 12.03 7.64
N ASP C 70 -9.95 10.73 7.90
CA ASP C 70 -11.24 10.02 7.90
C ASP C 70 -11.86 10.16 6.51
N ASP C 71 -13.08 10.69 6.38
CA ASP C 71 -13.69 10.89 5.07
C ASP C 71 -13.33 12.23 4.43
N LEU C 72 -12.56 13.08 5.12
CA LEU C 72 -12.07 14.32 4.49
C LEU C 72 -10.91 13.98 3.57
N VAL C 73 -11.04 14.30 2.30
CA VAL C 73 -9.98 14.05 1.32
C VAL C 73 -9.60 15.37 0.67
N LEU C 74 -8.41 15.88 1.01
CA LEU C 74 -7.90 17.14 0.46
C LEU C 74 -6.94 16.80 -0.67
N THR C 75 -7.10 17.47 -1.81
CA THR C 75 -6.39 17.14 -3.03
C THR C 75 -5.64 18.35 -3.59
N ASP C 76 -5.20 19.23 -2.70
CA ASP C 76 -4.36 20.35 -3.11
C ASP C 76 -3.49 20.72 -1.94
N SER C 77 -2.19 20.84 -2.19
CA SER C 77 -1.23 21.13 -1.13
C SER C 77 -1.60 22.36 -0.33
N HIS C 78 -2.19 23.38 -0.99
CA HIS C 78 -2.46 24.62 -0.29
C HIS C 78 -3.63 24.48 0.68
N ALA C 79 -4.62 23.65 0.32
CA ALA C 79 -5.70 23.35 1.24
C ALA C 79 -5.21 22.45 2.38
N ILE C 80 -4.31 21.52 2.06
CA ILE C 80 -3.72 20.68 3.11
C ILE C 80 -3.02 21.55 4.15
N ILE C 81 -2.21 22.50 3.68
CA ILE C 81 -1.47 23.37 4.57
C ILE C 81 -2.41 24.14 5.48
N MET C 82 -3.46 24.77 4.91
CA MET C 82 -4.30 25.56 5.82
C MET C 82 -5.07 24.68 6.79
N TYR C 83 -5.51 23.50 6.36
CA TYR C 83 -6.21 22.58 7.26
C TYR C 83 -5.30 22.16 8.42
N LEU C 84 -4.04 21.83 8.12
CA LEU C 84 -3.13 21.43 9.19
C LEU C 84 -2.88 22.57 10.17
N CYS C 85 -2.78 23.81 9.70
CA CYS C 85 -2.70 24.94 10.62
C CYS C 85 -3.92 25.01 11.52
N ASP C 86 -5.10 24.80 10.94
CA ASP C 86 -6.32 24.97 11.72
C ASP C 86 -6.46 23.90 12.79
N ILE C 87 -6.06 22.66 12.52
CA ILE C 87 -6.28 21.65 13.52
C ILE C 87 -5.07 21.43 14.44
N PHE C 88 -3.87 21.84 14.01
CA PHE C 88 -2.68 21.69 14.88
C PHE C 88 -2.00 23.01 15.27
N GLY C 92 -0.18 29.74 18.25
CA GLY C 92 0.27 31.12 18.36
C GLY C 92 1.49 31.47 17.53
N ASP C 93 2.16 30.45 16.99
CA ASP C 93 3.40 30.66 16.22
C ASP C 93 3.10 30.95 14.75
N PHE C 94 2.51 29.98 14.05
CA PHE C 94 2.14 30.10 12.64
C PHE C 94 0.64 30.35 12.49
N SER C 95 0.06 31.05 13.45
CA SER C 95 -1.37 31.03 13.67
C SER C 95 -2.13 31.73 12.54
N LEU C 96 -3.27 31.16 12.19
CA LEU C 96 -4.16 31.73 11.20
C LEU C 96 -5.47 32.22 11.82
N LYS C 97 -5.45 32.50 13.14
CA LYS C 97 -6.68 32.82 13.86
C LYS C 97 -7.19 34.23 13.51
N ASP C 98 -6.29 35.19 13.24
CA ASP C 98 -6.77 36.52 12.90
C ASP C 98 -7.20 36.56 11.45
N PRO C 99 -8.44 36.97 11.15
CA PRO C 99 -8.93 36.88 9.76
C PRO C 99 -8.09 37.65 8.75
N LYS C 100 -7.55 38.81 9.12
CA LYS C 100 -6.73 39.56 8.17
C LYS C 100 -5.39 38.85 7.91
N GLN C 101 -4.76 38.33 8.97
CA GLN C 101 -3.53 37.57 8.76
C GLN C 101 -3.80 36.32 7.92
N ARG C 102 -4.91 35.64 8.20
CA ARG C 102 -5.24 34.45 7.43
C ARG C 102 -5.41 34.81 5.95
N ALA C 103 -6.07 35.94 5.67
CA ALA C 103 -6.26 36.35 4.29
C ALA C 103 -4.94 36.69 3.62
N ARG C 104 -4.00 37.34 4.32
CA ARG C 104 -2.71 37.64 3.71
C ARG C 104 -1.94 36.36 3.37
N VAL C 105 -2.00 35.38 4.26
CA VAL C 105 -1.35 34.09 4.01
C VAL C 105 -2.04 33.38 2.85
N HIS C 106 -3.37 33.30 2.89
CA HIS C 106 -4.09 32.64 1.80
C HIS C 106 -3.83 33.34 0.47
N ASN C 107 -3.76 34.67 0.48
CA ASN C 107 -3.45 35.42 -0.74
C ASN C 107 -2.14 34.96 -1.38
N ARG C 108 -1.11 34.71 -0.58
CA ARG C 108 0.16 34.24 -1.14
C ARG C 108 0.15 32.76 -1.48
N LEU C 109 -0.64 31.94 -0.76
CA LEU C 109 -0.84 30.56 -1.19
C LEU C 109 -1.45 30.53 -2.58
N CYS C 110 -2.44 31.41 -2.84
CA CYS C 110 -3.05 31.50 -4.16
C CYS C 110 -2.04 31.92 -5.22
N PHE C 111 -1.18 32.89 -4.89
CA PHE C 111 -0.11 33.28 -5.82
C PHE C 111 0.74 32.06 -6.20
N ASN C 112 1.13 31.25 -5.22
CA ASN C 112 1.93 30.08 -5.57
C ASN C 112 1.13 29.12 -6.43
N ASN C 113 -0.10 28.82 -6.03
CA ASN C 113 -0.86 27.77 -6.70
C ASN C 113 -1.20 28.15 -8.12
N ALA C 114 -1.58 29.42 -8.33
CA ALA C 114 -2.14 29.86 -9.60
C ALA C 114 -1.13 30.55 -10.50
N VAL C 115 0.03 30.95 -9.97
CA VAL C 115 1.01 31.71 -10.75
C VAL C 115 2.35 30.97 -10.75
N LEU C 116 3.02 30.93 -9.61
CA LEU C 116 4.40 30.43 -9.60
C LEU C 116 4.45 28.95 -9.94
N PHE C 117 3.65 28.13 -9.26
CA PHE C 117 3.67 26.70 -9.55
C PHE C 117 3.22 26.40 -10.96
N GLN C 118 2.22 27.12 -11.45
CA GLN C 118 1.76 26.87 -12.80
C GLN C 118 2.86 27.09 -13.80
N ARG C 119 3.64 28.15 -13.61
CA ARG C 119 4.67 28.50 -14.58
C ARG C 119 5.89 27.59 -14.44
N GLU C 120 6.26 27.28 -13.20
CA GLU C 120 7.33 26.32 -12.94
C GLU C 120 6.99 24.96 -13.53
N SER C 121 5.77 24.48 -13.30
N SER C 121 5.77 24.48 -13.28
CA SER C 121 5.47 23.09 -13.66
CA SER C 121 5.40 23.12 -13.65
C SER C 121 5.39 22.90 -15.17
C SER C 121 5.44 22.92 -15.16
N ILE C 122 5.01 23.93 -15.93
CA ILE C 122 5.06 23.84 -17.38
C ILE C 122 6.49 23.56 -17.84
N VAL C 123 7.45 24.31 -17.29
CA VAL C 123 8.84 24.12 -17.68
C VAL C 123 9.34 22.74 -17.24
N MET C 124 9.17 22.40 -15.95
CA MET C 124 9.79 21.18 -15.46
C MET C 124 9.12 19.93 -16.02
N ARG C 125 7.78 19.93 -16.16
CA ARG C 125 7.11 18.80 -16.82
C ARG C 125 7.60 18.63 -18.25
N GLY C 126 7.75 19.74 -18.97
CA GLY C 126 8.21 19.66 -20.34
C GLY C 126 9.59 19.03 -20.44
N LEU C 127 10.47 19.35 -19.51
CA LEU C 127 11.82 18.79 -19.56
C LEU C 127 11.81 17.30 -19.24
N ILE C 128 11.10 16.91 -18.19
CA ILE C 128 11.09 15.48 -17.80
C ILE C 128 10.46 14.64 -18.90
N ASN C 129 9.35 15.10 -19.48
CA ASN C 129 8.69 14.29 -20.50
C ASN C 129 9.28 14.50 -21.90
N ARG C 130 10.33 15.32 -22.02
CA ARG C 130 11.11 15.52 -23.24
C ARG C 130 10.37 16.30 -24.32
N SER C 131 9.22 16.89 -24.01
CA SER C 131 8.61 17.80 -24.98
C SER C 131 9.37 19.12 -25.06
N ILE C 132 10.13 19.46 -24.04
CA ILE C 132 11.03 20.61 -24.04
C ILE C 132 12.46 20.09 -24.01
N VAL C 133 13.20 20.34 -25.07
CA VAL C 133 14.60 19.94 -25.17
C VAL C 133 15.54 21.12 -24.92
N THR C 134 15.31 22.23 -25.62
CA THR C 134 16.14 23.42 -25.47
C THR C 134 15.36 24.52 -24.78
N LEU C 135 15.96 25.14 -23.77
CA LEU C 135 15.36 26.25 -23.05
C LEU C 135 15.82 27.56 -23.68
N GLU C 136 14.88 28.34 -24.17
CA GLU C 136 15.12 29.69 -24.65
C GLU C 136 14.51 30.70 -23.69
N ASP C 137 14.90 31.97 -23.88
CA ASP C 137 14.38 33.04 -23.03
C ASP C 137 12.86 33.07 -23.02
N HIS C 138 12.22 32.63 -24.10
CA HIS C 138 10.77 32.58 -24.16
C HIS C 138 10.21 31.72 -23.03
N HIS C 139 10.81 30.54 -22.82
CA HIS C 139 10.29 29.60 -21.82
C HIS C 139 10.30 30.18 -20.42
N LEU C 140 11.28 31.02 -20.13
CA LEU C 140 11.53 31.47 -18.78
C LEU C 140 10.88 32.81 -18.47
N LYS C 141 10.38 33.53 -19.48
CA LYS C 141 9.79 34.84 -19.23
C LYS C 141 8.66 34.81 -18.20
N PRO C 142 7.70 33.88 -18.26
CA PRO C 142 6.64 33.90 -17.22
C PRO C 142 7.17 33.62 -15.82
N VAL C 143 8.17 32.75 -15.69
CA VAL C 143 8.78 32.53 -14.38
C VAL C 143 9.44 33.81 -13.87
N GLN C 144 10.17 34.50 -14.75
CA GLN C 144 10.82 35.73 -14.34
C GLN C 144 9.81 36.80 -13.98
N GLU C 145 8.66 36.82 -14.65
CA GLU C 145 7.59 37.73 -14.24
C GLU C 145 7.06 37.38 -12.85
N ALA C 146 6.98 36.08 -12.53
CA ALA C 146 6.62 35.70 -11.18
C ALA C 146 7.68 36.13 -10.15
N TYR C 147 8.97 35.98 -10.52
CA TYR C 147 10.04 36.49 -9.67
C TYR C 147 9.87 37.98 -9.42
N ASP C 148 9.53 38.75 -10.47
CA ASP C 148 9.34 40.18 -10.30
C ASP C 148 8.24 40.48 -9.29
N CYS C 149 7.16 39.71 -9.30
CA CYS C 149 6.10 39.91 -8.31
C CYS C 149 6.59 39.56 -6.90
N LEU C 150 7.26 38.42 -6.75
CA LEU C 150 7.79 38.04 -5.45
C LEU C 150 8.73 39.12 -4.90
N GLU C 151 9.52 39.72 -5.79
CA GLU C 151 10.42 40.79 -5.36
C GLU C 151 9.65 41.98 -4.81
N VAL C 152 8.51 42.32 -5.42
CA VAL C 152 7.66 43.36 -4.84
C VAL C 152 7.18 42.95 -3.46
N TYR C 153 6.69 41.71 -3.33
CA TYR C 153 6.14 41.30 -2.05
C TYR C 153 7.20 41.38 -0.96
N LEU C 154 8.43 40.97 -1.27
CA LEU C 154 9.52 40.90 -0.31
C LEU C 154 10.21 42.25 -0.12
N THR C 155 9.83 43.25 -0.93
CA THR C 155 10.19 44.63 -0.63
C THR C 155 9.26 45.24 0.41
N ASN C 156 7.99 44.84 0.40
CA ASN C 156 6.99 45.43 1.29
C ASN C 156 6.89 44.71 2.63
N SER C 157 7.32 43.45 2.71
CA SER C 157 7.43 42.77 3.99
C SER C 157 8.65 41.84 3.97
N LYS C 158 9.11 41.47 5.17
CA LYS C 158 10.35 40.70 5.28
C LYS C 158 10.19 39.28 4.75
N PHE C 159 9.02 38.69 4.92
CA PHE C 159 8.70 37.38 4.36
C PHE C 159 7.53 37.55 3.40
N VAL C 160 7.08 36.45 2.78
CA VAL C 160 6.24 36.66 1.59
C VAL C 160 4.90 37.29 1.93
N ALA C 161 4.35 37.02 3.13
CA ALA C 161 3.01 37.47 3.47
C ALA C 161 3.00 38.58 4.50
N CYS C 162 4.07 38.75 5.25
CA CYS C 162 4.16 39.75 6.33
C CYS C 162 5.60 39.73 6.83
N ASP C 163 5.84 40.44 7.95
CA ASP C 163 7.22 40.54 8.42
C ASP C 163 7.72 39.30 9.15
N GLN C 164 6.87 38.32 9.43
CA GLN C 164 7.29 37.06 10.03
C GLN C 164 7.11 35.91 9.06
N LEU C 165 7.86 34.85 9.31
CA LEU C 165 7.71 33.61 8.54
C LEU C 165 6.32 33.04 8.75
N THR C 166 5.64 32.70 7.67
CA THR C 166 4.33 32.05 7.74
C THR C 166 4.34 30.81 6.85
N VAL C 167 3.24 30.04 6.90
CA VAL C 167 3.19 28.87 6.04
C VAL C 167 3.18 29.23 4.56
N ALA C 168 2.87 30.48 4.21
CA ALA C 168 2.90 30.84 2.79
C ALA C 168 4.30 30.83 2.20
N ASP C 169 5.32 30.96 3.05
CA ASP C 169 6.69 30.91 2.54
C ASP C 169 7.09 29.53 2.04
N PHE C 170 6.42 28.48 2.51
CA PHE C 170 6.90 27.13 2.22
C PHE C 170 6.53 26.64 0.82
N PRO C 171 5.28 26.75 0.34
CA PRO C 171 5.06 26.37 -1.06
C PRO C 171 5.89 27.18 -2.02
N ILE C 172 6.06 28.48 -1.73
CA ILE C 172 6.84 29.32 -2.62
C ILE C 172 8.31 28.89 -2.63
N VAL C 173 8.90 28.63 -1.46
CA VAL C 173 10.31 28.21 -1.51
C VAL C 173 10.45 26.83 -2.14
N ALA C 174 9.46 25.95 -1.96
CA ALA C 174 9.53 24.67 -2.65
C ALA C 174 9.57 24.86 -4.15
N CYS C 175 8.76 25.78 -4.69
N CYS C 175 8.79 25.81 -4.66
CA CYS C 175 8.80 26.05 -6.13
CA CYS C 175 8.78 26.07 -6.10
C CYS C 175 10.09 26.74 -6.54
C CYS C 175 10.07 26.75 -6.55
N MET C 176 10.48 27.82 -5.86
CA MET C 176 11.73 28.50 -6.22
C MET C 176 12.94 27.59 -6.21
N SER C 177 13.02 26.67 -5.26
CA SER C 177 14.17 25.78 -5.23
C SER C 177 14.14 24.73 -6.32
N THR C 178 12.99 24.58 -7.00
CA THR C 178 12.87 23.64 -8.11
C THR C 178 13.18 24.35 -9.43
N VAL C 179 12.43 25.41 -9.74
CA VAL C 179 12.63 26.09 -11.02
C VAL C 179 13.95 26.82 -11.03
N GLY C 180 14.56 27.04 -9.86
CA GLY C 180 15.87 27.69 -9.82
C GLY C 180 16.94 26.93 -10.56
N MET C 181 16.78 25.61 -10.72
CA MET C 181 17.86 24.88 -11.37
C MET C 181 17.89 25.14 -12.88
N VAL C 182 16.80 25.68 -13.43
CA VAL C 182 16.77 26.07 -14.84
C VAL C 182 16.57 27.58 -15.05
N CYS C 183 16.08 28.32 -14.06
CA CYS C 183 15.86 29.75 -14.15
C CYS C 183 16.40 30.39 -12.87
N PRO C 184 17.71 30.53 -12.75
CA PRO C 184 18.29 30.85 -11.44
C PRO C 184 18.04 32.29 -11.03
N LEU C 185 17.94 32.47 -9.71
CA LEU C 185 17.81 33.77 -9.11
C LEU C 185 19.15 34.51 -9.16
N SER C 186 19.09 35.80 -9.49
CA SER C 186 20.23 36.70 -9.46
C SER C 186 20.07 37.69 -8.31
N THR C 187 21.16 37.94 -7.58
CA THR C 187 21.16 39.02 -6.58
C THR C 187 21.06 40.38 -7.26
N SER C 188 21.72 40.55 -8.39
CA SER C 188 21.63 41.82 -9.11
C SER C 188 20.19 42.10 -9.55
N ARG C 189 19.46 41.08 -9.98
CA ARG C 189 18.14 41.34 -10.51
C ARG C 189 17.03 41.25 -9.47
N TRP C 190 17.13 40.31 -8.56
CA TRP C 190 16.09 40.08 -7.55
C TRP C 190 16.74 39.98 -6.18
N PRO C 191 17.27 41.10 -5.68
CA PRO C 191 18.06 41.03 -4.43
C PRO C 191 17.25 40.65 -3.21
N LYS C 192 16.02 41.18 -3.07
CA LYS C 192 15.20 40.83 -1.91
C LYS C 192 14.82 39.36 -1.94
N THR C 193 14.47 38.86 -3.13
CA THR C 193 14.09 37.45 -3.23
C THR C 193 15.28 36.54 -2.99
N ALA C 194 16.45 36.88 -3.54
CA ALA C 194 17.65 36.09 -3.30
C ALA C 194 17.98 36.04 -1.81
N ALA C 195 17.85 37.17 -1.11
CA ALA C 195 18.16 37.20 0.32
C ALA C 195 17.16 36.38 1.12
N TRP C 196 15.87 36.49 0.77
CA TRP C 196 14.84 35.67 1.39
C TRP C 196 15.11 34.19 1.16
N PHE C 197 15.48 33.82 -0.07
CA PHE C 197 15.77 32.43 -0.40
C PHE C 197 16.91 31.89 0.47
N GLU C 198 17.98 32.67 0.61
CA GLU C 198 19.09 32.24 1.48
C GLU C 198 18.62 32.04 2.91
N THR C 199 17.75 32.93 3.39
CA THR C 199 17.19 32.82 4.73
C THR C 199 16.40 31.51 4.88
N MET C 200 15.53 31.20 3.92
CA MET C 200 14.77 29.95 4.00
C MET C 200 15.68 28.73 4.03
N LYS C 201 16.79 28.75 3.28
CA LYS C 201 17.69 27.61 3.23
C LYS C 201 18.35 27.34 4.56
N GLN C 202 18.39 28.34 5.45
CA GLN C 202 18.99 28.18 6.77
C GLN C 202 18.10 27.46 7.74
N LEU C 203 16.82 27.31 7.45
CA LEU C 203 15.91 26.68 8.38
C LEU C 203 16.38 25.26 8.70
N PRO C 204 16.33 24.84 9.96
CA PRO C 204 16.88 23.53 10.33
C PRO C 204 16.22 22.37 9.62
N TYR C 205 14.96 22.52 9.22
CA TYR C 205 14.25 21.44 8.55
C TYR C 205 14.31 21.53 7.03
N TYR C 206 15.00 22.55 6.49
CA TYR C 206 15.02 22.72 5.04
C TYR C 206 15.74 21.56 4.35
N GLN C 207 16.85 21.07 4.91
CA GLN C 207 17.63 20.05 4.22
C GLN C 207 16.80 18.80 3.94
N GLN C 208 16.18 18.22 4.98
CA GLN C 208 15.48 16.97 4.76
C GLN C 208 14.07 17.16 4.24
N ALA C 209 13.38 18.25 4.59
CA ALA C 209 12.03 18.42 4.08
C ALA C 209 11.99 19.01 2.68
N ASN C 210 13.07 19.61 2.20
CA ASN C 210 13.04 20.18 0.85
C ASN C 210 14.24 19.82 0.00
N GLN C 211 15.46 19.96 0.55
CA GLN C 211 16.61 19.81 -0.34
C GLN C 211 16.76 18.39 -0.85
N VAL C 212 16.42 17.39 -0.04
CA VAL C 212 16.53 15.99 -0.47
C VAL C 212 15.70 15.76 -1.73
N GLY C 213 14.48 16.29 -1.77
CA GLY C 213 13.64 16.09 -2.94
C GLY C 213 14.15 16.86 -4.14
N VAL C 214 14.62 18.09 -3.92
CA VAL C 214 15.23 18.88 -5.00
C VAL C 214 16.38 18.12 -5.61
N ASP C 215 17.21 17.51 -4.76
CA ASP C 215 18.36 16.73 -5.23
C ASP C 215 17.93 15.52 -6.04
N LYS C 216 16.85 14.85 -5.64
CA LYS C 216 16.34 13.74 -6.43
C LYS C 216 15.86 14.22 -7.79
N LEU C 217 15.20 15.38 -7.84
CA LEU C 217 14.76 15.91 -9.12
C LEU C 217 15.95 16.31 -9.99
N LYS C 218 16.99 16.91 -9.38
CA LYS C 218 18.20 17.25 -10.11
C LYS C 218 18.79 16.04 -10.83
N GLU C 219 18.79 14.88 -10.17
CA GLU C 219 19.32 13.68 -10.81
C GLU C 219 18.44 13.24 -11.96
N ARG C 220 17.12 13.28 -11.78
CA ARG C 220 16.20 12.96 -12.87
C ARG C 220 16.44 13.88 -14.07
N LEU C 221 16.61 15.18 -13.80
CA LEU C 221 16.82 16.12 -14.89
C LEU C 221 18.16 15.87 -15.57
N HIS C 222 19.20 15.58 -14.78
CA HIS C 222 20.50 15.21 -15.33
C HIS C 222 20.37 14.04 -16.29
N ALA C 223 19.61 13.01 -15.90
CA ALA C 223 19.46 11.82 -16.74
C ALA C 223 18.73 12.14 -18.04
N VAL C 224 17.74 13.03 -17.99
CA VAL C 224 16.92 13.26 -19.18
C VAL C 224 17.63 14.18 -20.17
N MET C 225 18.40 15.15 -19.68
CA MET C 225 19.19 16.00 -20.56
C MET C 225 20.63 15.49 -20.67
N VAL D 5 1.32 -8.80 27.89
CA VAL D 5 2.50 -9.16 27.12
C VAL D 5 2.90 -8.05 26.14
N HIS D 6 4.21 -7.84 25.98
CA HIS D 6 4.71 -6.86 25.03
C HIS D 6 4.62 -7.44 23.62
N MET D 7 3.92 -6.73 22.74
CA MET D 7 3.81 -7.17 21.35
C MET D 7 4.77 -6.38 20.46
N MET D 8 5.19 -7.03 19.38
N MET D 8 5.22 -7.01 19.39
CA MET D 8 6.21 -6.48 18.49
CA MET D 8 6.22 -6.38 18.54
C MET D 8 5.69 -5.30 17.68
C MET D 8 5.62 -5.20 17.77
N SER D 9 4.47 -5.41 17.16
CA SER D 9 3.89 -4.42 16.26
C SER D 9 2.51 -3.97 16.75
N LYS D 10 2.01 -2.91 16.14
CA LYS D 10 0.66 -2.45 16.42
C LYS D 10 -0.36 -3.40 15.80
N PRO D 11 -1.55 -3.54 16.40
CA PRO D 11 -2.59 -4.34 15.74
C PRO D 11 -3.01 -3.71 14.41
N VAL D 12 -3.34 -4.56 13.46
CA VAL D 12 -3.80 -4.14 12.14
C VAL D 12 -5.24 -4.59 11.95
N LEU D 13 -6.12 -3.63 11.70
CA LEU D 13 -7.55 -3.91 11.50
C LEU D 13 -7.86 -3.89 10.01
N TYR D 14 -8.19 -5.05 9.46
CA TYR D 14 -8.66 -5.16 8.08
C TYR D 14 -10.16 -4.89 8.07
N TYR D 15 -10.61 -3.90 7.28
CA TYR D 15 -11.93 -3.36 7.51
C TYR D 15 -12.56 -2.79 6.23
N ASP D 16 -13.89 -2.67 6.27
CA ASP D 16 -14.70 -1.88 5.34
C ASP D 16 -15.82 -1.29 6.17
N ASP D 17 -15.88 0.04 6.23
CA ASP D 17 -16.81 0.69 7.15
C ASP D 17 -18.28 0.61 6.75
N ILE D 18 -18.64 0.08 5.58
CA ILE D 18 -20.06 -0.17 5.35
C ILE D 18 -20.60 -1.27 6.27
N SER D 19 -19.72 -2.14 6.79
CA SER D 19 -20.06 -3.34 7.57
C SER D 19 -20.44 -2.98 9.01
N PRO D 20 -21.56 -3.46 9.53
CA PRO D 20 -21.86 -3.21 10.96
C PRO D 20 -20.83 -3.85 11.88
N PRO D 21 -20.42 -5.11 11.65
CA PRO D 21 -19.33 -5.68 12.49
C PRO D 21 -18.10 -4.80 12.52
N VAL D 22 -17.72 -4.24 11.37
CA VAL D 22 -16.58 -3.34 11.33
C VAL D 22 -16.86 -2.10 12.18
N ARG D 23 -18.05 -1.49 12.01
CA ARG D 23 -18.30 -0.26 12.75
C ARG D 23 -18.41 -0.50 14.25
N GLY D 24 -18.83 -1.69 14.70
CA GLY D 24 -18.72 -1.99 16.12
C GLY D 24 -17.30 -1.86 16.63
N VAL D 25 -16.32 -2.31 15.83
CA VAL D 25 -14.93 -2.17 16.21
C VAL D 25 -14.48 -0.71 16.13
N LEU D 26 -14.85 0.00 15.06
CA LEU D 26 -14.41 1.38 14.94
C LEU D 26 -14.92 2.22 16.10
N LEU D 27 -16.18 2.01 16.50
CA LEU D 27 -16.72 2.69 17.67
C LEU D 27 -15.90 2.37 18.92
N THR D 28 -15.54 1.10 19.09
CA THR D 28 -14.73 0.68 20.24
C THR D 28 -13.37 1.34 20.24
N VAL D 29 -12.73 1.39 19.06
CA VAL D 29 -11.42 2.03 18.95
C VAL D 29 -11.50 3.49 19.36
N ALA D 30 -12.54 4.17 18.88
CA ALA D 30 -12.73 5.58 19.24
C ALA D 30 -13.02 5.74 20.73
N ALA D 31 -13.90 4.89 21.28
CA ALA D 31 -14.26 5.00 22.69
C ALA D 31 -13.08 4.74 23.61
N LEU D 32 -12.20 3.82 23.23
CA LEU D 32 -11.02 3.50 24.00
C LEU D 32 -9.90 4.51 23.81
N GLY D 33 -10.01 5.38 22.81
CA GLY D 33 -9.01 6.39 22.51
C GLY D 33 -7.73 5.84 21.92
N ILE D 34 -7.81 4.77 21.12
CA ILE D 34 -6.61 4.09 20.65
C ILE D 34 -6.42 4.16 19.14
N LYS D 35 -6.99 5.18 18.50
CA LYS D 35 -6.79 5.35 17.05
C LYS D 35 -5.32 5.34 16.67
N ASP D 36 -4.46 5.96 17.50
CA ASP D 36 -3.03 5.99 17.18
C ASP D 36 -2.35 4.65 17.39
N GLN D 37 -2.99 3.69 18.06
CA GLN D 37 -2.34 2.42 18.36
C GLN D 37 -2.78 1.29 17.46
N VAL D 38 -3.72 1.52 16.55
CA VAL D 38 -4.24 0.47 15.68
C VAL D 38 -4.18 0.93 14.23
N GLU D 39 -3.54 0.12 13.39
CA GLU D 39 -3.41 0.46 11.99
C GLU D 39 -4.61 -0.05 11.22
N LEU D 40 -5.13 0.77 10.31
CA LEU D 40 -6.28 0.42 9.49
C LEU D 40 -5.83 0.02 8.09
N LYS D 41 -6.41 -1.05 7.57
CA LYS D 41 -6.12 -1.56 6.24
C LYS D 41 -7.44 -1.85 5.54
N LEU D 42 -7.72 -1.13 4.47
CA LEU D 42 -9.01 -1.25 3.79
C LEU D 42 -9.07 -2.53 2.97
N VAL D 43 -10.13 -3.30 3.17
CA VAL D 43 -10.47 -4.46 2.36
C VAL D 43 -11.88 -4.20 1.84
N ARG D 44 -11.99 -3.75 0.59
CA ARG D 44 -13.22 -3.18 0.08
C ARG D 44 -14.15 -4.29 -0.42
N LEU D 45 -15.30 -4.43 0.26
CA LEU D 45 -16.25 -5.47 -0.11
C LEU D 45 -16.77 -5.26 -1.52
N PHE D 46 -16.99 -3.99 -1.90
CA PHE D 46 -17.48 -3.66 -3.23
C PHE D 46 -16.51 -4.11 -4.32
N GLU D 47 -15.22 -4.11 -4.04
CA GLU D 47 -14.23 -4.62 -4.98
C GLU D 47 -13.98 -6.11 -4.82
N ARG D 48 -14.73 -6.79 -3.93
CA ARG D 48 -14.55 -8.22 -3.64
C ARG D 48 -13.15 -8.53 -3.12
N GLU D 49 -12.52 -7.58 -2.43
CA GLU D 49 -11.18 -7.80 -1.92
C GLU D 49 -11.14 -8.82 -0.79
N HIS D 50 -12.29 -9.06 -0.13
CA HIS D 50 -12.36 -10.10 0.89
C HIS D 50 -12.29 -11.50 0.31
N LEU D 51 -12.38 -11.66 -1.01
CA LEU D 51 -12.27 -12.98 -1.64
C LEU D 51 -10.93 -13.20 -2.32
N LEU D 52 -10.00 -12.27 -2.20
CA LEU D 52 -8.67 -12.44 -2.79
C LEU D 52 -7.89 -13.46 -1.98
N GLU D 53 -6.97 -14.15 -2.67
CA GLU D 53 -6.29 -15.30 -2.07
C GLU D 53 -5.58 -14.94 -0.77
N ASP D 54 -4.86 -13.82 -0.73
CA ASP D 54 -4.11 -13.47 0.48
C ASP D 54 -5.03 -13.27 1.66
N PHE D 55 -6.19 -12.63 1.45
CA PHE D 55 -7.11 -12.38 2.55
C PHE D 55 -7.78 -13.67 2.99
N VAL D 56 -8.13 -14.54 2.04
CA VAL D 56 -8.73 -15.82 2.40
C VAL D 56 -7.74 -16.68 3.18
N LYS D 57 -6.45 -16.58 2.87
CA LYS D 57 -5.44 -17.27 3.68
C LYS D 57 -5.40 -16.72 5.10
N LEU D 58 -5.63 -15.42 5.25
CA LEU D 58 -5.67 -14.81 6.57
C LEU D 58 -6.95 -15.22 7.30
N ASN D 59 -8.07 -15.28 6.60
CA ASN D 59 -9.37 -15.56 7.20
C ASN D 59 -10.20 -16.42 6.25
N PRO D 60 -10.32 -17.72 6.51
CA PRO D 60 -11.09 -18.57 5.58
C PRO D 60 -12.57 -18.24 5.54
N LEU D 61 -13.07 -17.49 6.52
CA LEU D 61 -14.44 -16.99 6.47
C LEU D 61 -14.62 -15.85 5.46
N HIS D 62 -13.52 -15.33 4.88
CA HIS D 62 -13.55 -14.29 3.84
C HIS D 62 -14.51 -13.16 4.21
N ALA D 63 -14.31 -12.62 5.41
CA ALA D 63 -15.19 -11.58 5.96
C ALA D 63 -14.38 -10.56 6.74
N VAL D 64 -14.92 -9.34 6.82
CA VAL D 64 -14.35 -8.28 7.64
C VAL D 64 -15.23 -8.05 8.88
N PRO D 65 -14.65 -7.64 10.01
CA PRO D 65 -13.25 -7.30 10.22
C PRO D 65 -12.37 -8.48 10.59
N VAL D 66 -11.06 -8.27 10.37
CA VAL D 66 -10.01 -9.14 10.88
C VAL D 66 -9.02 -8.25 11.62
N LEU D 67 -8.51 -8.74 12.75
CA LEU D 67 -7.42 -8.07 13.46
C LEU D 67 -6.20 -8.98 13.47
N LYS D 68 -5.07 -8.48 13.00
CA LYS D 68 -3.81 -9.19 13.09
C LYS D 68 -2.92 -8.43 14.07
N HIS D 69 -2.44 -9.13 15.10
CA HIS D 69 -1.55 -8.53 16.10
C HIS D 69 -0.39 -9.51 16.25
N ASP D 70 0.72 -9.23 15.56
CA ASP D 70 1.85 -10.17 15.48
C ASP D 70 1.29 -11.46 14.91
N ASP D 71 1.37 -12.57 15.63
CA ASP D 71 0.90 -13.88 15.21
C ASP D 71 -0.56 -14.13 15.56
N LEU D 72 -1.20 -13.25 16.33
CA LEU D 72 -2.61 -13.41 16.67
C LEU D 72 -3.50 -12.93 15.51
N VAL D 73 -4.43 -13.78 15.08
CA VAL D 73 -5.35 -13.40 14.01
C VAL D 73 -6.77 -13.61 14.51
N LEU D 74 -7.47 -12.51 14.76
CA LEU D 74 -8.86 -12.56 15.21
C LEU D 74 -9.80 -12.31 14.03
N THR D 75 -10.82 -13.16 13.91
CA THR D 75 -11.69 -13.17 12.74
C THR D 75 -13.15 -13.02 13.13
N ASP D 76 -13.43 -12.26 14.19
CA ASP D 76 -14.79 -11.92 14.55
C ASP D 76 -14.73 -10.60 15.30
N SER D 77 -15.57 -9.65 14.89
CA SER D 77 -15.60 -8.32 15.51
C SER D 77 -15.76 -8.41 17.03
N HIS D 78 -16.52 -9.39 17.51
CA HIS D 78 -16.80 -9.44 18.93
C HIS D 78 -15.59 -9.91 19.73
N ALA D 79 -14.79 -10.82 19.14
CA ALA D 79 -13.53 -11.19 19.76
C ALA D 79 -12.52 -10.05 19.68
N ILE D 80 -12.53 -9.31 18.56
CA ILE D 80 -11.64 -8.16 18.43
C ILE D 80 -11.91 -7.14 19.52
N ILE D 81 -13.19 -6.87 19.77
CA ILE D 81 -13.57 -5.86 20.75
C ILE D 81 -13.12 -6.25 22.15
N MET D 82 -13.36 -7.49 22.57
CA MET D 82 -12.94 -7.88 23.91
C MET D 82 -11.43 -7.86 24.04
N TYR D 83 -10.72 -8.29 23.00
CA TYR D 83 -9.27 -8.27 23.04
C TYR D 83 -8.74 -6.84 23.18
N LEU D 84 -9.29 -5.90 22.40
CA LEU D 84 -8.82 -4.52 22.51
C LEU D 84 -9.09 -3.95 23.90
N CYS D 85 -10.24 -4.29 24.49
CA CYS D 85 -10.49 -3.89 25.87
C CYS D 85 -9.45 -4.43 26.83
N ASP D 86 -9.04 -5.69 26.62
CA ASP D 86 -8.10 -6.33 27.53
C ASP D 86 -6.72 -5.71 27.45
N ILE D 87 -6.26 -5.35 26.26
CA ILE D 87 -4.87 -4.88 26.13
C ILE D 87 -4.75 -3.36 26.15
N PHE D 88 -5.84 -2.61 25.93
CA PHE D 88 -5.79 -1.15 25.97
C PHE D 88 -6.74 -0.50 26.98
N GLY D 89 -7.72 -1.22 27.52
CA GLY D 89 -8.79 -0.56 28.25
C GLY D 89 -8.97 -0.98 29.69
N GLN D 90 -7.95 -1.64 30.27
CA GLN D 90 -8.09 -2.22 31.60
C GLN D 90 -8.31 -1.16 32.67
N ASP D 91 -7.76 0.04 32.49
CA ASP D 91 -7.79 1.07 33.52
C ASP D 91 -8.82 2.17 33.24
N GLY D 92 -9.70 1.98 32.26
CA GLY D 92 -10.63 3.04 31.88
C GLY D 92 -12.09 2.70 32.04
N ASP D 93 -12.95 3.56 31.48
CA ASP D 93 -14.40 3.42 31.62
C ASP D 93 -14.97 2.20 30.93
N PHE D 94 -14.18 1.48 30.14
CA PHE D 94 -14.66 0.33 29.39
C PHE D 94 -14.00 -0.97 29.84
N SER D 95 -13.35 -0.95 31.00
CA SER D 95 -12.64 -2.12 31.52
C SER D 95 -13.55 -3.32 31.71
N LEU D 96 -12.99 -4.50 31.42
CA LEU D 96 -13.67 -5.78 31.58
C LEU D 96 -12.96 -6.64 32.63
N LYS D 97 -12.25 -6.01 33.56
CA LYS D 97 -11.46 -6.75 34.55
C LYS D 97 -12.34 -7.55 35.50
N ASP D 98 -13.53 -7.06 35.81
CA ASP D 98 -14.41 -7.76 36.74
C ASP D 98 -15.12 -8.92 36.05
N PRO D 99 -15.04 -10.15 36.58
CA PRO D 99 -15.65 -11.30 35.86
C PRO D 99 -17.13 -11.16 35.59
N LYS D 100 -17.93 -10.64 36.53
CA LYS D 100 -19.36 -10.52 36.28
C LYS D 100 -19.65 -9.42 35.26
N GLN D 101 -18.92 -8.30 35.34
CA GLN D 101 -19.09 -7.24 34.34
C GLN D 101 -18.70 -7.77 32.97
N ARG D 102 -17.58 -8.47 32.91
CA ARG D 102 -17.16 -9.05 31.65
C ARG D 102 -18.23 -9.97 31.08
N ALA D 103 -18.86 -10.77 31.93
CA ALA D 103 -19.87 -11.71 31.44
C ALA D 103 -21.14 -10.99 30.97
N ARG D 104 -21.57 -9.92 31.68
CA ARG D 104 -22.71 -9.14 31.20
C ARG D 104 -22.43 -8.57 29.81
N VAL D 105 -21.22 -8.03 29.62
CA VAL D 105 -20.87 -7.48 28.32
C VAL D 105 -20.80 -8.58 27.27
N HIS D 106 -20.12 -9.68 27.60
CA HIS D 106 -19.99 -10.77 26.63
C HIS D 106 -21.36 -11.33 26.26
N ASN D 107 -22.25 -11.46 27.24
CA ASN D 107 -23.60 -11.92 26.96
C ASN D 107 -24.29 -11.09 25.89
N ARG D 108 -24.15 -9.75 25.92
CA ARG D 108 -24.79 -8.92 24.92
C ARG D 108 -24.03 -8.90 23.61
N LEU D 109 -22.70 -9.09 23.65
CA LEU D 109 -21.97 -9.29 22.40
C LEU D 109 -22.48 -10.54 21.70
N CYS D 110 -22.72 -11.62 22.48
CA CYS D 110 -23.25 -12.86 21.90
C CYS D 110 -24.64 -12.64 21.31
N PHE D 111 -25.48 -11.84 21.99
CA PHE D 111 -26.78 -11.50 21.42
C PHE D 111 -26.62 -10.82 20.06
N ASN D 112 -25.71 -9.86 19.97
CA ASN D 112 -25.50 -9.20 18.68
C ASN D 112 -25.02 -10.19 17.64
N ASN D 113 -24.02 -10.99 17.98
CA ASN D 113 -23.38 -11.84 16.98
C ASN D 113 -24.33 -12.92 16.52
N ALA D 114 -25.10 -13.50 17.44
CA ALA D 114 -25.91 -14.67 17.12
C ALA D 114 -27.38 -14.39 16.87
N VAL D 115 -27.86 -13.19 17.15
CA VAL D 115 -29.26 -12.87 16.96
C VAL D 115 -29.40 -11.65 16.06
N LEU D 116 -29.02 -10.47 16.57
CA LEU D 116 -29.31 -9.23 15.83
C LEU D 116 -28.57 -9.17 14.51
N PHE D 117 -27.25 -9.39 14.51
CA PHE D 117 -26.53 -9.33 13.26
C PHE D 117 -26.96 -10.44 12.29
N GLN D 118 -27.27 -11.63 12.80
CA GLN D 118 -27.71 -12.69 11.91
C GLN D 118 -28.97 -12.28 11.17
N ARG D 119 -29.92 -11.68 11.89
CA ARG D 119 -31.19 -11.30 11.28
C ARG D 119 -31.05 -10.08 10.37
N GLU D 120 -30.20 -9.12 10.78
CA GLU D 120 -29.89 -7.97 9.95
C GLU D 120 -29.22 -8.39 8.65
N SER D 121 -28.24 -9.30 8.74
CA SER D 121 -27.44 -9.62 7.58
C SER D 121 -28.25 -10.36 6.52
N ILE D 122 -29.20 -11.20 6.92
CA ILE D 122 -30.09 -11.83 5.95
C ILE D 122 -30.80 -10.77 5.12
N VAL D 123 -31.29 -9.72 5.78
CA VAL D 123 -32.02 -8.66 5.07
C VAL D 123 -31.09 -7.83 4.19
N MET D 124 -29.96 -7.38 4.74
N MET D 124 -29.97 -7.35 4.76
CA MET D 124 -29.13 -6.43 4.01
CA MET D 124 -29.11 -6.43 4.03
C MET D 124 -28.38 -7.09 2.87
C MET D 124 -28.42 -7.12 2.85
N ARG D 125 -27.91 -8.33 3.06
CA ARG D 125 -27.28 -9.05 1.96
C ARG D 125 -28.26 -9.23 0.81
N GLY D 126 -29.50 -9.60 1.12
CA GLY D 126 -30.49 -9.83 0.07
C GLY D 126 -30.85 -8.57 -0.69
N LEU D 127 -30.90 -7.42 0.00
CA LEU D 127 -31.14 -6.16 -0.69
C LEU D 127 -29.96 -5.80 -1.59
N ILE D 128 -28.74 -6.05 -1.13
CA ILE D 128 -27.56 -5.65 -1.88
C ILE D 128 -27.40 -6.49 -3.14
N ASN D 129 -27.65 -7.79 -3.04
CA ASN D 129 -27.55 -8.69 -4.18
C ASN D 129 -28.85 -8.87 -4.95
N ARG D 130 -29.86 -8.04 -4.65
CA ARG D 130 -31.11 -7.89 -5.41
C ARG D 130 -32.01 -9.13 -5.33
N SER D 131 -31.68 -10.14 -4.54
CA SER D 131 -32.59 -11.27 -4.37
C SER D 131 -33.81 -10.88 -3.54
N ILE D 132 -33.66 -9.92 -2.63
CA ILE D 132 -34.79 -9.29 -1.96
C ILE D 132 -35.03 -7.93 -2.60
N VAL D 133 -36.22 -7.75 -3.15
CA VAL D 133 -36.66 -6.47 -3.70
C VAL D 133 -37.59 -5.75 -2.73
N THR D 134 -38.56 -6.47 -2.18
CA THR D 134 -39.41 -5.97 -1.10
C THR D 134 -39.30 -6.95 0.06
N LEU D 135 -39.25 -6.43 1.28
CA LEU D 135 -39.02 -7.26 2.45
C LEU D 135 -40.25 -8.13 2.75
N GLU D 136 -40.01 -9.43 2.91
CA GLU D 136 -41.06 -10.38 3.26
C GLU D 136 -41.20 -10.47 4.78
N ASP D 137 -42.33 -11.01 5.24
CA ASP D 137 -42.57 -11.07 6.68
C ASP D 137 -41.56 -11.98 7.37
N HIS D 138 -41.08 -13.02 6.69
CA HIS D 138 -40.03 -13.85 7.27
C HIS D 138 -38.67 -13.14 7.29
N HIS D 139 -38.57 -11.96 6.71
CA HIS D 139 -37.43 -11.07 6.89
C HIS D 139 -37.65 -10.13 8.06
N LEU D 140 -38.83 -9.51 8.15
CA LEU D 140 -39.06 -8.43 9.11
C LEU D 140 -39.34 -8.94 10.52
N LYS D 141 -40.17 -9.98 10.65
CA LYS D 141 -40.55 -10.44 11.98
C LYS D 141 -39.36 -10.86 12.85
N PRO D 142 -38.35 -11.58 12.34
CA PRO D 142 -37.18 -11.86 13.20
C PRO D 142 -36.48 -10.61 13.68
N VAL D 143 -36.35 -9.58 12.84
CA VAL D 143 -35.76 -8.33 13.29
C VAL D 143 -36.58 -7.73 14.42
N GLN D 144 -37.90 -7.70 14.26
CA GLN D 144 -38.78 -7.13 15.28
C GLN D 144 -38.72 -7.92 16.57
N GLU D 145 -38.57 -9.24 16.50
CA GLU D 145 -38.40 -10.04 17.71
C GLU D 145 -37.10 -9.66 18.42
N ALA D 146 -36.05 -9.37 17.64
CA ALA D 146 -34.80 -8.92 18.24
C ALA D 146 -34.97 -7.57 18.90
N TYR D 147 -35.72 -6.65 18.25
CA TYR D 147 -36.07 -5.37 18.85
C TYR D 147 -36.79 -5.56 20.17
N ASP D 148 -37.71 -6.54 20.24
CA ASP D 148 -38.43 -6.83 21.49
C ASP D 148 -37.47 -7.25 22.59
N CYS D 149 -36.47 -8.06 22.26
CA CYS D 149 -35.48 -8.45 23.27
C CYS D 149 -34.68 -7.24 23.74
N LEU D 150 -34.22 -6.43 22.79
CA LEU D 150 -33.45 -5.24 23.15
C LEU D 150 -34.26 -4.33 24.07
N GLU D 151 -35.56 -4.20 23.81
CA GLU D 151 -36.43 -3.36 24.64
C GLU D 151 -36.49 -3.88 26.06
N VAL D 152 -36.54 -5.20 26.25
CA VAL D 152 -36.46 -5.76 27.59
C VAL D 152 -35.13 -5.40 28.24
N TYR D 153 -34.02 -5.59 27.52
CA TYR D 153 -32.72 -5.30 28.12
C TYR D 153 -32.62 -3.85 28.55
N LEU D 154 -33.14 -2.94 27.74
CA LEU D 154 -33.01 -1.52 28.01
C LEU D 154 -34.05 -1.01 28.98
N THR D 155 -35.04 -1.84 29.32
CA THR D 155 -35.89 -1.58 30.48
C THR D 155 -35.15 -1.92 31.78
N ASN D 156 -34.37 -2.99 31.76
CA ASN D 156 -33.72 -3.48 32.95
C ASN D 156 -32.44 -2.72 33.29
N SER D 157 -31.79 -2.10 32.31
CA SER D 157 -30.63 -1.27 32.57
C SER D 157 -30.60 -0.13 31.56
N LYS D 158 -29.82 0.90 31.90
CA LYS D 158 -29.83 2.12 31.10
C LYS D 158 -29.22 1.90 29.72
N PHE D 159 -28.15 1.13 29.66
CA PHE D 159 -27.48 0.74 28.42
C PHE D 159 -27.65 -0.78 28.28
N VAL D 160 -27.11 -1.35 27.19
CA VAL D 160 -27.55 -2.70 26.85
C VAL D 160 -27.12 -3.74 27.87
N ALA D 161 -25.96 -3.58 28.53
CA ALA D 161 -25.44 -4.59 29.43
C ALA D 161 -25.52 -4.22 30.89
N CYS D 162 -25.59 -2.93 31.20
CA CYS D 162 -25.67 -2.44 32.58
C CYS D 162 -26.04 -0.98 32.51
N ASP D 163 -25.98 -0.29 33.66
CA ASP D 163 -26.41 1.10 33.68
C ASP D 163 -25.39 2.05 33.08
N GLN D 164 -24.18 1.58 32.77
CA GLN D 164 -23.18 2.39 32.11
C GLN D 164 -22.95 1.91 30.69
N LEU D 165 -22.51 2.85 29.86
CA LEU D 165 -22.09 2.54 28.50
C LEU D 165 -20.93 1.53 28.56
N THR D 166 -21.02 0.48 27.74
CA THR D 166 -19.94 -0.50 27.64
C THR D 166 -19.70 -0.77 26.17
N VAL D 167 -18.65 -1.56 25.88
CA VAL D 167 -18.43 -1.89 24.49
C VAL D 167 -19.55 -2.73 23.88
N ALA D 168 -20.40 -3.38 24.70
CA ALA D 168 -21.50 -4.13 24.10
C ALA D 168 -22.51 -3.21 23.39
N ASP D 169 -22.56 -1.92 23.75
CA ASP D 169 -23.49 -1.05 23.06
C ASP D 169 -23.05 -0.77 21.62
N PHE D 170 -21.77 -0.96 21.30
CA PHE D 170 -21.28 -0.53 19.98
C PHE D 170 -21.63 -1.48 18.82
N PRO D 171 -21.42 -2.81 18.93
CA PRO D 171 -21.90 -3.66 17.83
C PRO D 171 -23.40 -3.57 17.66
N ILE D 172 -24.14 -3.45 18.76
CA ILE D 172 -25.59 -3.38 18.67
C ILE D 172 -26.03 -2.09 17.97
N VAL D 173 -25.43 -0.94 18.32
CA VAL D 173 -25.87 0.28 17.62
C VAL D 173 -25.38 0.27 16.18
N ALA D 174 -24.23 -0.34 15.90
CA ALA D 174 -23.80 -0.49 14.50
C ALA D 174 -24.84 -1.25 13.71
N CYS D 175 -25.37 -2.33 14.29
N CYS D 175 -25.39 -2.31 14.30
CA CYS D 175 -26.42 -3.08 13.61
CA CYS D 175 -26.41 -3.09 13.63
C CYS D 175 -27.72 -2.28 13.54
C CYS D 175 -27.74 -2.34 13.57
N MET D 176 -28.13 -1.68 14.66
CA MET D 176 -29.41 -0.97 14.68
C MET D 176 -29.44 0.16 13.65
N SER D 177 -28.33 0.87 13.48
CA SER D 177 -28.28 1.96 12.53
C SER D 177 -28.22 1.47 11.09
N THR D 178 -27.99 0.17 10.90
CA THR D 178 -28.00 -0.44 9.57
C THR D 178 -29.37 -1.01 9.24
N VAL D 179 -29.84 -1.95 10.05
CA VAL D 179 -31.13 -2.58 9.75
C VAL D 179 -32.26 -1.58 9.89
N GLY D 180 -32.07 -0.52 10.67
CA GLY D 180 -33.10 0.51 10.81
C GLY D 180 -33.43 1.20 9.51
N MET D 181 -32.56 1.07 8.50
CA MET D 181 -32.82 1.65 7.18
C MET D 181 -33.92 0.91 6.43
N VAL D 182 -34.15 -0.36 6.75
CA VAL D 182 -35.19 -1.14 6.11
C VAL D 182 -36.25 -1.62 7.09
N CYS D 183 -35.95 -1.69 8.38
N CYS D 183 -35.95 -1.70 8.38
CA CYS D 183 -36.93 -2.05 9.42
CA CYS D 183 -36.91 -2.06 9.42
C CYS D 183 -36.81 -1.01 10.53
C CYS D 183 -36.79 -1.01 10.52
N PRO D 184 -37.25 0.21 10.28
CA PRO D 184 -36.98 1.30 11.23
C PRO D 184 -37.66 1.12 12.58
N LEU D 185 -36.99 1.65 13.60
CA LEU D 185 -37.45 1.53 14.97
C LEU D 185 -38.61 2.50 15.23
N SER D 186 -39.76 1.95 15.59
CA SER D 186 -40.90 2.76 16.00
C SER D 186 -40.71 3.21 17.44
N THR D 187 -40.78 4.52 17.66
CA THR D 187 -40.63 5.05 19.02
C THR D 187 -41.79 4.63 19.90
N SER D 188 -42.99 4.56 19.34
CA SER D 188 -44.15 4.15 20.13
C SER D 188 -44.10 2.67 20.49
N ARG D 189 -43.50 1.84 19.64
CA ARG D 189 -43.47 0.42 19.89
C ARG D 189 -42.31 0.03 20.79
N TRP D 190 -41.14 0.65 20.58
CA TRP D 190 -39.91 0.34 21.33
C TRP D 190 -39.34 1.62 21.89
N PRO D 191 -40.02 2.24 22.87
CA PRO D 191 -39.57 3.56 23.34
C PRO D 191 -38.22 3.55 24.04
N LYS D 192 -37.89 2.51 24.81
CA LYS D 192 -36.61 2.48 25.49
C LYS D 192 -35.47 2.32 24.49
N THR D 193 -35.66 1.46 23.49
CA THR D 193 -34.65 1.26 22.47
C THR D 193 -34.46 2.53 21.64
N ALA D 194 -35.56 3.20 21.30
CA ALA D 194 -35.46 4.45 20.56
C ALA D 194 -34.68 5.50 21.36
N ALA D 195 -34.96 5.60 22.66
CA ALA D 195 -34.26 6.60 23.47
C ALA D 195 -32.78 6.26 23.63
N TRP D 196 -32.46 4.97 23.77
CA TRP D 196 -31.06 4.56 23.83
C TRP D 196 -30.35 4.85 22.51
N PHE D 197 -31.04 4.61 21.39
CA PHE D 197 -30.45 4.87 20.08
C PHE D 197 -30.11 6.34 19.92
N GLU D 198 -31.04 7.22 20.35
CA GLU D 198 -30.77 8.66 20.34
C GLU D 198 -29.59 9.03 21.23
N THR D 199 -29.51 8.42 22.42
CA THR D 199 -28.37 8.66 23.30
C THR D 199 -27.08 8.28 22.61
N MET D 200 -27.10 7.16 21.88
CA MET D 200 -25.88 6.63 21.31
C MET D 200 -25.41 7.59 20.21
N LYS D 201 -26.37 8.16 19.47
CA LYS D 201 -26.07 9.08 18.38
C LYS D 201 -25.40 10.35 18.87
N GLN D 202 -25.51 10.66 20.17
CA GLN D 202 -24.92 11.88 20.72
C GLN D 202 -23.46 11.72 21.10
N LEU D 203 -22.93 10.50 21.11
CA LEU D 203 -21.53 10.32 21.47
C LEU D 203 -20.65 11.08 20.48
N PRO D 204 -19.58 11.72 20.95
CA PRO D 204 -18.80 12.58 20.04
C PRO D 204 -18.13 11.83 18.90
N TYR D 205 -17.90 10.53 19.04
CA TYR D 205 -17.25 9.73 18.01
C TYR D 205 -18.25 8.98 17.11
N TYR D 206 -19.55 9.13 17.36
CA TYR D 206 -20.53 8.37 16.58
C TYR D 206 -20.47 8.76 15.11
N GLN D 207 -20.38 10.07 14.81
CA GLN D 207 -20.41 10.48 13.41
C GLN D 207 -19.30 9.84 12.59
N GLN D 208 -18.06 9.96 13.04
CA GLN D 208 -16.95 9.47 12.23
C GLN D 208 -16.77 7.95 12.32
N ALA D 209 -17.12 7.34 13.46
CA ALA D 209 -16.91 5.90 13.58
C ALA D 209 -18.06 5.10 13.00
N ASN D 210 -19.28 5.63 13.02
CA ASN D 210 -20.43 4.87 12.55
C ASN D 210 -21.21 5.55 11.44
N GLN D 211 -21.56 6.84 11.56
CA GLN D 211 -22.45 7.43 10.56
C GLN D 211 -21.79 7.49 9.18
N VAL D 212 -20.48 7.71 9.11
CA VAL D 212 -19.80 7.78 7.82
C VAL D 212 -20.02 6.49 7.03
N GLY D 213 -19.85 5.35 7.69
CA GLY D 213 -20.05 4.07 7.01
C GLY D 213 -21.50 3.79 6.69
N VAL D 214 -22.41 4.16 7.59
CA VAL D 214 -23.85 4.02 7.31
C VAL D 214 -24.23 4.82 6.07
N ASP D 215 -23.67 6.02 5.93
CA ASP D 215 -23.99 6.86 4.77
C ASP D 215 -23.46 6.23 3.48
N LYS D 216 -22.27 5.63 3.52
CA LYS D 216 -21.76 4.94 2.35
C LYS D 216 -22.67 3.79 1.96
N LEU D 217 -23.12 3.01 2.94
CA LEU D 217 -24.03 1.92 2.64
C LEU D 217 -25.33 2.43 2.05
N LYS D 218 -25.84 3.55 2.59
CA LYS D 218 -27.03 4.19 2.02
C LYS D 218 -26.85 4.48 0.53
N GLU D 219 -25.67 4.99 0.15
CA GLU D 219 -25.42 5.25 -1.27
C GLU D 219 -25.40 3.96 -2.08
N ARG D 220 -24.80 2.90 -1.55
CA ARG D 220 -24.77 1.63 -2.28
C ARG D 220 -26.17 1.05 -2.46
N LEU D 221 -27.05 1.22 -1.46
CA LEU D 221 -28.40 0.68 -1.62
C LEU D 221 -29.23 1.49 -2.59
N HIS D 222 -29.09 2.81 -2.59
CA HIS D 222 -29.78 3.62 -3.60
C HIS D 222 -29.34 3.24 -5.00
N ALA D 223 -28.09 2.79 -5.15
CA ALA D 223 -27.57 2.41 -6.46
C ALA D 223 -28.04 1.00 -6.84
N VAL D 224 -27.95 0.06 -5.91
CA VAL D 224 -28.38 -1.31 -6.19
C VAL D 224 -29.87 -1.37 -6.49
N MET D 225 -30.65 -0.55 -5.78
CA MET D 225 -32.09 -0.50 -5.99
C MET D 225 -32.49 0.75 -6.78
#